data_8ZJ7
#
_entry.id   8ZJ7
#
_cell.length_a   87.303
_cell.length_b   98.148
_cell.length_c   168.036
_cell.angle_alpha   90
_cell.angle_beta   90
_cell.angle_gamma   90
#
_symmetry.space_group_name_H-M   'P 2 21 21'
#
loop_
_entity.id
_entity.type
_entity.pdbx_description
1 polymer '4-hydroxythreonine-4-phosphate dehydrogenase'
2 non-polymer NICOTINAMIDE-ADENINE-DINUCLEOTIDE
3 non-polymer 'ZINC ION'
4 non-polymer '3,4-DIHYDROXYBENZOIC ACID'
5 non-polymer 'MAGNESIUM ION'
6 non-polymer 'CHLORIDE ION'
7 non-polymer 'SODIUM ION'
8 water water
#
_entity_poly.entity_id   1
_entity_poly.type   'polypeptide(L)'
_entity_poly.pdbx_seq_one_letter_code
;HMTIVHRRLALAIGDPHGIGPEIALKALQQLSATERSLIKVYGPWSALEQAAQICQMESLLQDLIHEEAGSLAQPVQCGE
ITPQAGLSTVQSATAAIRACESGEVDAVIACPHHETAIHRAGIAFSGYPSLLANVLGMNEDEVFLMLVGAGLRIVHVTLH
ESVRSALERLSPQLVINAVDAAVQTCTLLGVPKPQVAVFGINPHASEGQLFGLEDSQITVPAVETLRKRGLTVDGPMGAD
MVLAQRKHDLYVAMLHDQGHIPIKLLAPNGASALSIGGRVVLSSVGHGSAMDIAGRGVADATALLRTIALLGAQPV
;
_entity_poly.pdbx_strand_id   B,C,D,A
#
# COMPACT_ATOMS: atom_id res chain seq x y z
N MET A 2 21.95 0.33 -41.36
CA MET A 2 22.17 -1.13 -41.32
C MET A 2 21.18 -1.81 -40.36
N THR A 3 21.23 -3.15 -40.34
CA THR A 3 20.18 -3.99 -39.78
C THR A 3 20.39 -4.15 -38.27
N ILE A 4 19.34 -3.87 -37.48
CA ILE A 4 19.38 -4.13 -36.05
C ILE A 4 18.40 -5.25 -35.66
N VAL A 5 17.54 -5.70 -36.58
CA VAL A 5 16.55 -6.74 -36.29
C VAL A 5 16.83 -7.97 -37.14
N HIS A 6 17.13 -9.10 -36.51
CA HIS A 6 17.53 -10.31 -37.24
C HIS A 6 16.71 -11.51 -36.76
N ARG A 7 15.59 -11.27 -36.07
CA ARG A 7 14.69 -12.32 -35.68
C ARG A 7 13.31 -11.71 -35.40
N ARG A 8 12.29 -12.57 -35.26
CA ARG A 8 10.93 -12.07 -35.13
C ARG A 8 10.71 -11.60 -33.69
N LEU A 9 10.06 -10.43 -33.54
CA LEU A 9 9.74 -9.88 -32.23
C LEU A 9 8.26 -9.53 -32.16
N ALA A 10 7.69 -9.69 -30.97
CA ALA A 10 6.39 -9.14 -30.62
C ALA A 10 6.62 -7.83 -29.88
N LEU A 11 5.83 -6.81 -30.21
CA LEU A 11 5.88 -5.53 -29.53
C LEU A 11 4.50 -5.26 -28.95
N ALA A 12 4.36 -5.32 -27.61
CA ALA A 12 3.13 -4.93 -26.94
C ALA A 12 3.18 -3.44 -26.64
N ILE A 13 2.15 -2.67 -27.02
CA ILE A 13 2.31 -1.22 -27.10
C ILE A 13 1.98 -0.54 -25.78
N GLY A 14 1.67 -1.32 -24.73
CA GLY A 14 1.59 -0.80 -23.38
C GLY A 14 0.26 -0.11 -23.12
N ASP A 15 0.27 0.80 -22.13
CA ASP A 15 -0.89 1.62 -21.82
C ASP A 15 -1.16 2.46 -23.05
N PRO A 16 -2.36 2.33 -23.65
CA PRO A 16 -2.71 3.05 -24.88
C PRO A 16 -2.99 4.53 -24.68
N HIS A 17 -3.02 4.99 -23.42
CA HIS A 17 -3.15 6.40 -23.09
C HIS A 17 -1.76 7.00 -22.85
N GLY A 18 -0.75 6.15 -22.69
CA GLY A 18 0.61 6.61 -22.49
C GLY A 18 1.33 6.85 -23.82
N ILE A 19 2.67 6.83 -23.79
CA ILE A 19 3.51 7.13 -24.93
C ILE A 19 3.87 5.86 -25.70
N GLY A 20 3.48 4.69 -25.17
CA GLY A 20 3.83 3.41 -25.78
C GLY A 20 3.47 3.33 -27.27
N PRO A 21 2.19 3.60 -27.66
CA PRO A 21 1.83 3.62 -29.08
C PRO A 21 2.74 4.52 -29.91
N GLU A 22 3.00 5.73 -29.42
CA GLU A 22 3.73 6.74 -30.16
C GLU A 22 5.18 6.32 -30.39
N ILE A 23 5.81 5.72 -29.37
CA ILE A 23 7.20 5.31 -29.48
C ILE A 23 7.29 4.03 -30.32
N ALA A 24 6.20 3.23 -30.37
CA ALA A 24 6.25 2.04 -31.22
C ALA A 24 6.35 2.48 -32.68
N LEU A 25 5.52 3.44 -33.07
CA LEU A 25 5.52 3.96 -34.44
C LEU A 25 6.84 4.65 -34.77
N LYS A 26 7.32 5.51 -33.86
CA LYS A 26 8.53 6.26 -34.14
C LYS A 26 9.73 5.33 -34.30
N ALA A 27 9.72 4.23 -33.54
CA ALA A 27 10.74 3.20 -33.64
C ALA A 27 10.64 2.50 -35.00
N LEU A 28 9.43 2.03 -35.34
CA LEU A 28 9.22 1.27 -36.56
C LEU A 28 9.55 2.13 -37.77
N GLN A 29 9.30 3.45 -37.67
CA GLN A 29 9.62 4.37 -38.74
C GLN A 29 11.12 4.30 -39.06
N GLN A 30 11.96 4.24 -38.02
CA GLN A 30 13.42 4.26 -38.19
C GLN A 30 13.96 2.97 -38.80
N LEU A 31 13.18 1.89 -38.78
CA LEU A 31 13.64 0.61 -39.33
C LEU A 31 13.36 0.55 -40.83
N SER A 32 14.06 -0.34 -41.53
CA SER A 32 13.77 -0.62 -42.92
C SER A 32 12.47 -1.41 -43.05
N ALA A 33 11.99 -1.55 -44.29
CA ALA A 33 10.77 -2.28 -44.58
C ALA A 33 10.90 -3.76 -44.17
N THR A 34 12.07 -4.36 -44.42
CA THR A 34 12.31 -5.77 -44.09
C THR A 34 12.30 -5.96 -42.58
N GLU A 35 12.91 -5.01 -41.86
CA GLU A 35 12.94 -5.07 -40.41
C GLU A 35 11.52 -4.94 -39.85
N ARG A 36 10.74 -4.03 -40.42
CA ARG A 36 9.38 -3.77 -39.96
C ARG A 36 8.55 -5.05 -40.02
N SER A 37 8.82 -5.87 -41.03
CA SER A 37 8.04 -7.08 -41.26
C SER A 37 8.41 -8.20 -40.29
N LEU A 38 9.43 -7.99 -39.45
CA LEU A 38 9.80 -8.96 -38.42
C LEU A 38 9.16 -8.60 -37.07
N ILE A 39 8.54 -7.42 -36.97
CA ILE A 39 7.97 -6.95 -35.73
C ILE A 39 6.46 -6.99 -35.82
N LYS A 40 5.84 -7.82 -34.96
CA LYS A 40 4.39 -7.92 -34.90
C LYS A 40 3.91 -7.11 -33.69
N VAL A 41 3.03 -6.14 -33.93
CA VAL A 41 2.59 -5.20 -32.90
C VAL A 41 1.31 -5.70 -32.27
N TYR A 42 1.23 -5.73 -30.93
CA TYR A 42 0.04 -6.18 -30.25
C TYR A 42 -0.55 -5.00 -29.49
N GLY A 43 -1.82 -4.71 -29.72
CA GLY A 43 -2.49 -3.65 -29.01
C GLY A 43 -3.72 -3.17 -29.76
N PRO A 44 -4.47 -2.20 -29.19
CA PRO A 44 -5.65 -1.66 -29.85
C PRO A 44 -5.26 -0.82 -31.05
N TRP A 45 -5.90 -1.11 -32.18
CA TRP A 45 -5.67 -0.36 -33.40
C TRP A 45 -5.98 1.11 -33.18
N SER A 46 -7.02 1.41 -32.39
CA SER A 46 -7.52 2.76 -32.22
C SER A 46 -6.43 3.68 -31.66
N ALA A 47 -5.58 3.11 -30.81
CA ALA A 47 -4.50 3.87 -30.20
C ALA A 47 -3.37 4.09 -31.20
N LEU A 48 -3.08 3.10 -32.03
CA LEU A 48 -2.04 3.25 -33.02
C LEU A 48 -2.50 4.27 -34.06
N GLU A 49 -3.79 4.23 -34.43
CA GLU A 49 -4.38 5.19 -35.35
C GLU A 49 -4.20 6.59 -34.79
N GLN A 50 -4.58 6.77 -33.52
CA GLN A 50 -4.49 8.09 -32.90
C GLN A 50 -3.04 8.60 -32.92
N ALA A 51 -2.10 7.75 -32.50
CA ALA A 51 -0.69 8.16 -32.47
C ALA A 51 -0.18 8.46 -33.88
N ALA A 52 -0.63 7.70 -34.88
CA ALA A 52 -0.15 7.89 -36.24
C ALA A 52 -0.59 9.24 -36.76
N GLN A 53 -1.80 9.67 -36.37
CA GLN A 53 -2.35 10.94 -36.81
C GLN A 53 -1.55 12.09 -36.21
N ILE A 54 -1.31 12.03 -34.90
CA ILE A 54 -0.57 13.06 -34.21
C ILE A 54 0.84 13.17 -34.78
N CYS A 55 1.51 12.02 -35.01
CA CYS A 55 2.88 11.99 -35.51
C CYS A 55 2.98 12.09 -37.03
N GLN A 56 1.84 12.08 -37.75
CA GLN A 56 1.78 12.14 -39.20
C GLN A 56 2.52 10.95 -39.82
N MET A 57 2.18 9.75 -39.34
CA MET A 57 2.74 8.50 -39.82
C MET A 57 1.62 7.56 -40.20
N GLU A 58 0.56 8.06 -40.84
CA GLU A 58 -0.56 7.21 -41.25
C GLU A 58 -0.11 6.17 -42.28
N SER A 59 0.81 6.53 -43.17
CA SER A 59 1.22 5.64 -44.24
C SER A 59 2.03 4.47 -43.68
N LEU A 60 2.53 4.59 -42.46
CA LEU A 60 3.29 3.52 -41.85
C LEU A 60 2.36 2.40 -41.41
N LEU A 61 1.13 2.75 -41.00
CA LEU A 61 0.18 1.80 -40.43
C LEU A 61 -0.24 0.77 -41.46
N GLN A 62 -0.24 1.14 -42.74
CA GLN A 62 -0.67 0.24 -43.80
C GLN A 62 0.36 -0.87 -43.99
N ASP A 63 1.61 -0.68 -43.53
CA ASP A 63 2.67 -1.69 -43.64
C ASP A 63 2.77 -2.58 -42.40
N LEU A 64 2.17 -2.16 -41.29
CA LEU A 64 2.47 -2.73 -40.00
C LEU A 64 1.86 -4.12 -39.92
N ILE A 65 2.61 -5.04 -39.31
CA ILE A 65 2.02 -6.31 -38.96
C ILE A 65 1.44 -6.19 -37.56
N HIS A 66 0.14 -6.47 -37.44
CA HIS A 66 -0.63 -6.09 -36.26
C HIS A 66 -1.57 -7.22 -35.86
N GLU A 67 -1.76 -7.40 -34.54
CA GLU A 67 -2.86 -8.22 -34.06
C GLU A 67 -3.63 -7.44 -33.01
N GLU A 68 -4.95 -7.37 -33.16
CA GLU A 68 -5.80 -6.69 -32.20
C GLU A 68 -5.73 -7.41 -30.86
N ALA A 69 -5.38 -6.65 -29.83
CA ALA A 69 -5.46 -7.06 -28.45
C ALA A 69 -5.75 -5.83 -27.59
N GLY A 70 -6.43 -6.04 -26.48
CA GLY A 70 -6.71 -4.95 -25.55
C GLY A 70 -7.56 -3.86 -26.19
N SER A 71 -8.59 -4.29 -26.94
CA SER A 71 -9.49 -3.34 -27.58
C SER A 71 -10.08 -2.41 -26.55
N LEU A 72 -10.35 -1.18 -26.98
CA LEU A 72 -10.97 -0.17 -26.12
C LEU A 72 -12.42 0.02 -26.54
N ALA A 73 -13.24 0.37 -25.56
CA ALA A 73 -14.67 0.54 -25.78
C ALA A 73 -15.00 2.00 -25.99
N GLN A 74 -14.03 2.89 -25.85
CA GLN A 74 -14.24 4.33 -25.93
C GLN A 74 -13.02 4.95 -26.59
N PRO A 75 -13.10 6.21 -27.08
CA PRO A 75 -11.94 6.86 -27.69
C PRO A 75 -10.75 6.95 -26.74
N VAL A 76 -9.55 6.92 -27.31
CA VAL A 76 -8.32 7.09 -26.57
C VAL A 76 -8.31 8.50 -25.96
N GLN A 77 -7.96 8.56 -24.66
CA GLN A 77 -7.81 9.82 -23.95
C GLN A 77 -6.36 9.91 -23.47
N CYS A 78 -5.49 10.45 -24.31
CA CYS A 78 -4.08 10.49 -24.00
C CYS A 78 -3.90 11.23 -22.69
N GLY A 79 -3.05 10.68 -21.81
CA GLY A 79 -2.70 11.34 -20.56
C GLY A 79 -3.57 10.91 -19.39
N GLU A 80 -4.67 10.21 -19.65
CA GLU A 80 -5.63 9.91 -18.59
C GLU A 80 -5.43 8.48 -18.09
N ILE A 81 -5.32 8.38 -16.76
CA ILE A 81 -5.29 7.10 -16.08
C ILE A 81 -6.71 6.55 -16.02
N THR A 82 -6.97 5.39 -16.65
CA THR A 82 -8.30 4.79 -16.64
C THR A 82 -8.17 3.29 -16.51
N PRO A 83 -9.11 2.63 -15.78
CA PRO A 83 -9.08 1.17 -15.66
C PRO A 83 -9.08 0.45 -17.00
N GLN A 84 -9.84 0.96 -17.96
CA GLN A 84 -9.94 0.36 -19.29
C GLN A 84 -8.55 0.29 -19.91
N ALA A 85 -7.79 1.37 -19.77
CA ALA A 85 -6.44 1.45 -20.32
C ALA A 85 -5.55 0.42 -19.64
N GLY A 86 -5.82 0.17 -18.35
CA GLY A 86 -5.05 -0.79 -17.60
C GLY A 86 -5.28 -2.22 -18.09
N LEU A 87 -6.55 -2.55 -18.28
CA LEU A 87 -6.93 -3.85 -18.82
C LEU A 87 -6.27 -4.04 -20.18
N SER A 88 -6.32 -3.00 -21.01
CA SER A 88 -5.75 -3.03 -22.35
C SER A 88 -4.29 -3.48 -22.29
N THR A 89 -3.53 -2.83 -21.40
CA THR A 89 -2.10 -3.09 -21.25
C THR A 89 -1.85 -4.57 -20.97
N VAL A 90 -2.61 -5.15 -20.05
CA VAL A 90 -2.38 -6.53 -19.65
C VAL A 90 -2.76 -7.50 -20.77
N GLN A 91 -3.84 -7.18 -21.50
CA GLN A 91 -4.27 -7.98 -22.62
C GLN A 91 -3.25 -7.96 -23.75
N SER A 92 -2.73 -6.78 -24.09
CA SER A 92 -1.75 -6.64 -25.16
C SER A 92 -0.52 -7.47 -24.81
N ALA A 93 -0.07 -7.31 -23.57
CA ALA A 93 1.14 -7.99 -23.14
C ALA A 93 0.91 -9.51 -23.08
N THR A 94 -0.25 -9.92 -22.57
CA THR A 94 -0.57 -11.34 -22.54
C THR A 94 -0.56 -11.93 -23.95
N ALA A 95 -1.06 -11.20 -24.94
CA ALA A 95 -1.17 -11.72 -26.29
C ALA A 95 0.21 -11.86 -26.93
N ALA A 96 1.10 -10.92 -26.62
CA ALA A 96 2.47 -10.99 -27.10
C ALA A 96 3.19 -12.19 -26.50
N ILE A 97 3.03 -12.35 -25.18
CA ILE A 97 3.65 -13.47 -24.49
C ILE A 97 3.19 -14.78 -25.11
N ARG A 98 1.88 -14.93 -25.34
CA ARG A 98 1.34 -16.18 -25.87
C ARG A 98 1.88 -16.44 -27.28
N ALA A 99 2.17 -15.37 -28.03
CA ALA A 99 2.71 -15.53 -29.38
C ALA A 99 4.15 -16.04 -29.35
N CYS A 100 4.91 -15.61 -28.34
CA CYS A 100 6.26 -16.12 -28.10
C CYS A 100 6.19 -17.57 -27.62
N GLU A 101 5.27 -17.86 -26.68
CA GLU A 101 5.10 -19.20 -26.14
C GLU A 101 4.82 -20.20 -27.26
N SER A 102 4.05 -19.80 -28.27
CA SER A 102 3.64 -20.69 -29.34
C SER A 102 4.65 -20.76 -30.47
N GLY A 103 5.71 -19.94 -30.42
CA GLY A 103 6.78 -19.98 -31.40
C GLY A 103 6.55 -19.05 -32.60
N GLU A 104 5.53 -18.18 -32.52
CA GLU A 104 5.24 -17.25 -33.60
C GLU A 104 6.29 -16.14 -33.64
N VAL A 105 6.80 -15.75 -32.46
CA VAL A 105 7.91 -14.80 -32.36
C VAL A 105 8.95 -15.40 -31.42
N ASP A 106 10.16 -14.81 -31.43
CA ASP A 106 11.31 -15.31 -30.69
C ASP A 106 11.50 -14.54 -29.38
N ALA A 107 10.96 -13.32 -29.29
CA ALA A 107 11.05 -12.55 -28.05
C ALA A 107 10.01 -11.43 -28.04
N VAL A 108 9.85 -10.81 -26.86
CA VAL A 108 8.78 -9.87 -26.62
C VAL A 108 9.36 -8.60 -26.04
N ILE A 109 8.84 -7.46 -26.49
CA ILE A 109 9.11 -6.18 -25.86
C ILE A 109 7.78 -5.61 -25.39
N ALA A 110 7.71 -5.21 -24.12
CA ALA A 110 6.52 -4.54 -23.61
C ALA A 110 6.81 -3.05 -23.44
N CYS A 111 6.05 -2.19 -24.13
CA CYS A 111 6.15 -0.76 -23.95
C CYS A 111 5.57 -0.41 -22.56
N PRO A 112 5.72 0.87 -22.13
CA PRO A 112 5.44 1.22 -20.74
C PRO A 112 4.00 1.07 -20.26
N HIS A 113 3.84 0.48 -19.08
CA HIS A 113 2.53 0.34 -18.43
C HIS A 113 2.36 1.46 -17.43
N HIS A 114 1.15 1.57 -16.85
CA HIS A 114 0.88 2.43 -15.71
C HIS A 114 0.28 1.59 -14.57
N GLU A 115 0.97 1.55 -13.42
CA GLU A 115 0.63 0.64 -12.35
C GLU A 115 -0.75 0.94 -11.79
N THR A 116 -1.09 2.23 -11.71
CA THR A 116 -2.37 2.65 -11.12
C THR A 116 -3.53 2.19 -12.00
N ALA A 117 -3.33 2.29 -13.32
CA ALA A 117 -4.36 1.91 -14.26
C ALA A 117 -4.67 0.43 -14.10
N ILE A 118 -3.63 -0.39 -13.99
CA ILE A 118 -3.81 -1.82 -13.88
C ILE A 118 -4.54 -2.16 -12.58
N HIS A 119 -4.11 -1.53 -11.47
CA HIS A 119 -4.70 -1.79 -10.17
C HIS A 119 -6.20 -1.43 -10.19
N ARG A 120 -6.54 -0.30 -10.80
CA ARG A 120 -7.92 0.16 -10.85
C ARG A 120 -8.81 -0.78 -11.67
N ALA A 121 -8.23 -1.54 -12.61
CA ALA A 121 -8.99 -2.54 -13.36
C ALA A 121 -9.24 -3.79 -12.52
N GLY A 122 -8.70 -3.81 -11.29
CA GLY A 122 -8.87 -4.94 -10.40
C GLY A 122 -7.89 -6.08 -10.71
N ILE A 123 -6.81 -5.74 -11.42
CA ILE A 123 -5.83 -6.73 -11.82
C ILE A 123 -4.62 -6.63 -10.90
N ALA A 124 -4.22 -7.77 -10.33
CA ALA A 124 -2.99 -7.88 -9.55
C ALA A 124 -1.79 -7.85 -10.50
N PHE A 125 -0.84 -6.94 -10.22
CA PHE A 125 0.36 -6.82 -11.04
C PHE A 125 1.49 -6.37 -10.14
N SER A 126 2.59 -7.11 -10.16
CA SER A 126 3.77 -6.78 -9.36
C SER A 126 5.02 -6.79 -10.22
N GLY A 127 4.87 -6.56 -11.53
CA GLY A 127 5.99 -6.64 -12.45
C GLY A 127 5.81 -7.73 -13.51
N TYR A 128 6.65 -7.67 -14.53
CA TYR A 128 6.58 -8.55 -15.68
C TYR A 128 6.92 -9.99 -15.27
N PRO A 129 7.87 -10.25 -14.34
CA PRO A 129 8.09 -11.60 -13.86
C PRO A 129 6.83 -12.32 -13.37
N SER A 130 5.97 -11.60 -12.64
CA SER A 130 4.77 -12.21 -12.10
C SER A 130 3.76 -12.44 -13.23
N LEU A 131 3.64 -11.48 -14.14
CA LEU A 131 2.72 -11.59 -15.26
C LEU A 131 3.11 -12.77 -16.13
N LEU A 132 4.40 -12.85 -16.45
CA LEU A 132 4.93 -13.87 -17.33
C LEU A 132 4.68 -15.25 -16.74
N ALA A 133 4.87 -15.38 -15.43
CA ALA A 133 4.63 -16.64 -14.75
C ALA A 133 3.15 -16.99 -14.84
N ASN A 134 2.30 -16.00 -14.60
CA ASN A 134 0.87 -16.20 -14.53
C ASN A 134 0.35 -16.67 -15.89
N VAL A 135 0.79 -16.01 -16.96
CA VAL A 135 0.36 -16.34 -18.31
C VAL A 135 0.86 -17.73 -18.72
N LEU A 136 2.13 -18.05 -18.41
CA LEU A 136 2.72 -19.32 -18.81
C LEU A 136 2.32 -20.45 -17.86
N GLY A 137 1.66 -20.10 -16.74
CA GLY A 137 1.18 -21.07 -15.78
C GLY A 137 2.31 -21.72 -14.99
N MET A 138 3.36 -20.96 -14.66
CA MET A 138 4.44 -21.42 -13.80
C MET A 138 4.47 -20.57 -12.52
N ASN A 139 5.32 -20.95 -11.57
CA ASN A 139 5.45 -20.26 -10.29
C ASN A 139 6.42 -19.10 -10.47
N GLU A 140 6.29 -18.06 -9.64
CA GLU A 140 7.14 -16.88 -9.75
C GLU A 140 8.61 -17.25 -9.49
N ASP A 141 8.83 -18.41 -8.82
CA ASP A 141 10.16 -18.86 -8.47
C ASP A 141 10.90 -19.39 -9.69
N GLU A 142 10.19 -19.68 -10.79
CA GLU A 142 10.81 -20.24 -12.00
C GLU A 142 10.95 -19.20 -13.11
N VAL A 143 10.65 -17.92 -12.80
CA VAL A 143 10.87 -16.83 -13.75
C VAL A 143 11.89 -15.87 -13.15
N PHE A 144 12.92 -15.53 -13.92
CA PHE A 144 14.09 -14.83 -13.40
C PHE A 144 14.26 -13.50 -14.10
N LEU A 145 14.88 -12.55 -13.41
CA LEU A 145 15.20 -11.26 -14.00
C LEU A 145 16.68 -11.22 -14.37
N MET A 146 16.95 -10.92 -15.64
CA MET A 146 18.32 -10.65 -16.08
C MET A 146 18.50 -9.17 -16.45
N LEU A 147 19.43 -8.47 -15.81
CA LEU A 147 19.76 -7.12 -16.20
C LEU A 147 20.88 -7.15 -17.25
N VAL A 148 20.78 -6.28 -18.25
CA VAL A 148 21.81 -6.16 -19.26
C VAL A 148 22.13 -4.69 -19.47
N GLY A 149 23.43 -4.37 -19.36
CA GLY A 149 23.88 -3.01 -19.57
C GLY A 149 25.42 -2.93 -19.56
N ALA A 150 25.97 -2.22 -20.55
CA ALA A 150 27.38 -1.87 -20.63
C ALA A 150 28.26 -3.11 -20.63
N GLY A 151 27.86 -4.15 -21.37
CA GLY A 151 28.63 -5.38 -21.48
C GLY A 151 28.30 -6.39 -20.39
N LEU A 152 27.75 -5.93 -19.25
CA LEU A 152 27.41 -6.81 -18.15
C LEU A 152 26.07 -7.47 -18.39
N ARG A 153 26.00 -8.77 -18.07
CA ARG A 153 24.76 -9.51 -18.03
C ARG A 153 24.69 -10.22 -16.70
N ILE A 154 23.62 -9.99 -15.92
CA ILE A 154 23.51 -10.53 -14.58
C ILE A 154 22.11 -11.07 -14.35
N VAL A 155 21.99 -12.39 -14.12
CA VAL A 155 20.71 -12.98 -13.77
C VAL A 155 20.61 -13.05 -12.25
N HIS A 156 19.42 -12.79 -11.71
CA HIS A 156 19.20 -12.77 -10.28
C HIS A 156 18.48 -14.04 -9.87
N VAL A 157 19.05 -14.78 -8.93
CA VAL A 157 18.43 -16.02 -8.46
C VAL A 157 17.21 -15.67 -7.61
N THR A 158 17.31 -14.59 -6.82
CA THR A 158 16.17 -14.05 -6.09
C THR A 158 16.05 -12.57 -6.45
N LEU A 159 14.94 -11.92 -6.06
CA LEU A 159 14.75 -10.57 -6.55
C LEU A 159 14.22 -9.57 -5.52
N HIS A 160 12.91 -9.36 -5.45
CA HIS A 160 12.37 -8.21 -4.75
C HIS A 160 11.77 -8.77 -3.48
N GLU A 161 12.64 -9.01 -2.50
CA GLU A 161 12.22 -9.59 -1.24
C GLU A 161 13.32 -9.27 -0.23
N SER A 162 12.96 -9.41 1.06
CA SER A 162 13.91 -9.18 2.12
C SER A 162 15.09 -10.11 1.93
N VAL A 163 16.26 -9.68 2.42
CA VAL A 163 17.46 -10.47 2.34
C VAL A 163 17.20 -11.79 3.08
N ARG A 164 16.58 -11.72 4.26
CA ARG A 164 16.33 -12.90 5.06
C ARG A 164 15.45 -13.89 4.29
N SER A 165 14.41 -13.36 3.65
CA SER A 165 13.50 -14.18 2.87
C SER A 165 14.23 -14.83 1.69
N ALA A 166 15.14 -14.08 1.05
CA ALA A 166 15.90 -14.61 -0.08
C ALA A 166 16.79 -15.77 0.37
N LEU A 167 17.43 -15.61 1.53
CA LEU A 167 18.36 -16.62 2.06
C LEU A 167 17.60 -17.90 2.35
N GLU A 168 16.36 -17.79 2.85
CA GLU A 168 15.60 -18.98 3.21
C GLU A 168 15.18 -19.76 1.96
N ARG A 169 15.07 -19.08 0.82
CA ARG A 169 14.59 -19.74 -0.38
C ARG A 169 15.74 -20.29 -1.23
N LEU A 170 16.96 -19.76 -1.08
CA LEU A 170 18.05 -20.24 -1.90
C LEU A 170 18.20 -21.75 -1.74
N SER A 171 18.31 -22.47 -2.87
CA SER A 171 18.64 -23.87 -2.90
C SER A 171 19.49 -24.16 -4.13
N PRO A 172 20.18 -25.33 -4.22
CA PRO A 172 20.97 -25.67 -5.41
C PRO A 172 20.11 -25.63 -6.68
N GLN A 173 18.90 -26.18 -6.59
CA GLN A 173 18.04 -26.27 -7.77
C GLN A 173 17.65 -24.88 -8.28
N LEU A 174 17.35 -23.95 -7.35
CA LEU A 174 16.97 -22.61 -7.74
C LEU A 174 18.10 -21.94 -8.52
N VAL A 175 19.35 -22.15 -8.08
CA VAL A 175 20.51 -21.56 -8.74
C VAL A 175 20.68 -22.18 -10.14
N ILE A 176 20.45 -23.49 -10.26
CA ILE A 176 20.61 -24.19 -11.52
C ILE A 176 19.58 -23.68 -12.54
N ASN A 177 18.35 -23.48 -12.07
CA ASN A 177 17.26 -23.07 -12.94
C ASN A 177 17.51 -21.67 -13.47
N ALA A 178 18.06 -20.81 -12.60
CA ALA A 178 18.39 -19.45 -12.96
C ALA A 178 19.43 -19.43 -14.09
N VAL A 179 20.44 -20.30 -13.96
CA VAL A 179 21.54 -20.34 -14.91
C VAL A 179 21.06 -20.91 -16.25
N ASP A 180 20.25 -21.98 -16.21
CA ASP A 180 19.72 -22.57 -17.43
C ASP A 180 18.95 -21.51 -18.22
N ALA A 181 18.00 -20.85 -17.54
CA ALA A 181 17.21 -19.78 -18.13
C ALA A 181 18.12 -18.69 -18.72
N ALA A 182 19.15 -18.30 -17.98
CA ALA A 182 20.00 -17.19 -18.39
C ALA A 182 20.90 -17.60 -19.56
N VAL A 183 21.31 -18.87 -19.62
CA VAL A 183 22.18 -19.35 -20.69
C VAL A 183 21.41 -19.38 -22.01
N GLN A 184 20.15 -19.84 -21.97
CA GLN A 184 19.32 -19.90 -23.15
C GLN A 184 19.06 -18.49 -23.68
N THR A 185 18.89 -17.54 -22.75
CA THR A 185 18.69 -16.16 -23.13
C THR A 185 19.95 -15.60 -23.78
N CYS A 186 21.12 -16.01 -23.28
CA CYS A 186 22.36 -15.52 -23.83
C CYS A 186 22.48 -15.88 -25.30
N THR A 187 22.10 -17.12 -25.63
CA THR A 187 22.06 -17.57 -27.01
C THR A 187 21.29 -16.56 -27.86
N LEU A 188 20.13 -16.13 -27.35
CA LEU A 188 19.27 -15.21 -28.07
C LEU A 188 19.92 -13.83 -28.22
N LEU A 189 20.75 -13.43 -27.23
CA LEU A 189 21.37 -12.11 -27.22
C LEU A 189 22.63 -12.07 -28.10
N GLY A 190 23.03 -13.24 -28.62
CA GLY A 190 24.12 -13.34 -29.58
C GLY A 190 25.42 -13.81 -28.95
N VAL A 191 25.35 -14.46 -27.78
CA VAL A 191 26.51 -15.05 -27.15
C VAL A 191 26.22 -16.50 -26.81
N PRO A 192 26.36 -17.45 -27.75
CA PRO A 192 25.98 -18.84 -27.48
C PRO A 192 27.14 -19.44 -26.71
N LYS A 193 26.82 -20.30 -25.74
CA LYS A 193 27.81 -20.98 -24.93
C LYS A 193 28.65 -19.99 -24.12
N PRO A 194 28.03 -19.20 -23.22
CA PRO A 194 28.75 -18.19 -22.45
C PRO A 194 29.66 -18.75 -21.38
N GLN A 195 30.59 -17.89 -20.93
CA GLN A 195 31.40 -18.12 -19.75
C GLN A 195 30.68 -17.51 -18.54
N VAL A 196 30.31 -18.37 -17.58
CA VAL A 196 29.41 -17.97 -16.51
C VAL A 196 30.18 -17.85 -15.21
N ALA A 197 29.84 -16.84 -14.39
CA ALA A 197 30.40 -16.72 -13.05
C ALA A 197 29.28 -16.67 -12.01
N VAL A 198 29.37 -17.53 -10.98
CA VAL A 198 28.37 -17.59 -9.93
C VAL A 198 28.88 -16.83 -8.71
N PHE A 199 28.11 -15.82 -8.27
CA PHE A 199 28.46 -15.09 -7.06
C PHE A 199 28.25 -15.98 -5.84
N GLY A 200 29.01 -15.72 -4.78
CA GLY A 200 28.79 -16.32 -3.49
C GLY A 200 27.69 -15.58 -2.74
N ILE A 201 27.04 -16.31 -1.83
CA ILE A 201 25.97 -15.75 -1.00
C ILE A 201 26.59 -14.84 0.05
N ASN A 202 27.64 -15.36 0.71
CA ASN A 202 28.35 -14.66 1.77
C ASN A 202 29.60 -14.00 1.21
N PRO A 203 30.20 -13.01 1.91
CA PRO A 203 31.46 -12.42 1.46
C PRO A 203 32.52 -13.48 1.16
N HIS A 204 33.30 -13.26 0.09
CA HIS A 204 34.39 -14.15 -0.29
C HIS A 204 33.89 -15.57 -0.54
N ALA A 205 32.61 -15.69 -0.94
CA ALA A 205 31.99 -16.99 -1.14
C ALA A 205 32.17 -17.88 0.11
N SER A 206 32.08 -17.27 1.30
CA SER A 206 32.18 -17.96 2.60
C SER A 206 33.62 -18.36 2.96
N GLU A 207 34.59 -18.14 2.05
CA GLU A 207 35.98 -18.55 2.24
C GLU A 207 36.04 -19.96 2.81
N GLY A 208 35.59 -20.92 2.00
CA GLY A 208 35.37 -22.27 2.48
C GLY A 208 34.13 -22.29 3.36
N GLN A 209 34.34 -22.24 4.69
CA GLN A 209 33.25 -22.26 5.66
C GLN A 209 33.52 -21.25 6.78
N LEU A 210 34.45 -20.32 6.55
CA LEU A 210 34.86 -19.40 7.60
C LEU A 210 33.76 -18.37 7.87
N PHE A 211 32.94 -18.05 6.86
CA PHE A 211 31.92 -17.02 7.02
C PHE A 211 30.55 -17.60 6.69
N GLY A 212 30.25 -18.78 7.27
CA GLY A 212 28.93 -19.39 7.10
C GLY A 212 28.96 -20.59 6.17
N LEU A 213 27.93 -21.43 6.29
CA LEU A 213 27.86 -22.70 5.59
C LEU A 213 27.13 -22.59 4.25
N GLU A 214 26.45 -21.44 4.02
CA GLU A 214 25.49 -21.32 2.94
C GLU A 214 26.11 -21.75 1.61
N ASP A 215 27.29 -21.23 1.26
CA ASP A 215 27.85 -21.50 -0.06
C ASP A 215 28.19 -22.98 -0.23
N SER A 216 28.77 -23.63 0.79
CA SER A 216 29.04 -25.06 0.72
C SER A 216 27.76 -25.87 0.48
N GLN A 217 26.63 -25.40 1.00
CA GLN A 217 25.36 -26.12 0.90
C GLN A 217 24.61 -25.81 -0.40
N ILE A 218 24.88 -24.64 -1.01
CA ILE A 218 24.01 -24.11 -2.05
C ILE A 218 24.78 -23.89 -3.35
N THR A 219 25.75 -22.97 -3.37
CA THR A 219 26.33 -22.56 -4.64
C THR A 219 27.34 -23.59 -5.13
N VAL A 220 28.07 -24.22 -4.20
CA VAL A 220 29.12 -25.17 -4.56
C VAL A 220 28.49 -26.40 -5.23
N PRO A 221 27.48 -27.09 -4.63
CA PRO A 221 26.86 -28.24 -5.27
C PRO A 221 26.22 -27.88 -6.61
N ALA A 222 25.71 -26.65 -6.74
CA ALA A 222 25.05 -26.19 -7.95
C ALA A 222 26.04 -26.05 -9.09
N VAL A 223 27.20 -25.46 -8.80
CA VAL A 223 28.22 -25.32 -9.82
C VAL A 223 28.74 -26.69 -10.21
N GLU A 224 28.94 -27.57 -9.22
CA GLU A 224 29.40 -28.94 -9.47
C GLU A 224 28.45 -29.66 -10.42
N THR A 225 27.14 -29.52 -10.21
CA THR A 225 26.12 -30.14 -11.07
C THR A 225 26.16 -29.53 -12.47
N LEU A 226 26.24 -28.21 -12.58
CA LEU A 226 26.27 -27.54 -13.88
C LEU A 226 27.49 -27.98 -14.68
N ARG A 227 28.64 -28.12 -14.02
CA ARG A 227 29.88 -28.49 -14.69
C ARG A 227 29.81 -29.94 -15.15
N LYS A 228 29.23 -30.84 -14.34
CA LYS A 228 29.05 -32.24 -14.69
C LYS A 228 28.12 -32.38 -15.90
N ARG A 229 27.21 -31.42 -16.09
CA ARG A 229 26.31 -31.42 -17.24
C ARG A 229 27.00 -30.79 -18.45
N GLY A 230 28.21 -30.27 -18.27
CA GLY A 230 29.06 -29.85 -19.37
C GLY A 230 29.12 -28.32 -19.57
N LEU A 231 28.69 -27.55 -18.57
CA LEU A 231 28.64 -26.10 -18.72
C LEU A 231 29.92 -25.48 -18.15
N THR A 232 30.41 -24.41 -18.80
CA THR A 232 31.55 -23.66 -18.32
C THR A 232 31.10 -22.61 -17.30
N VAL A 233 31.29 -22.94 -16.01
CA VAL A 233 30.84 -22.15 -14.88
C VAL A 233 31.99 -22.04 -13.88
N ASP A 234 32.27 -20.83 -13.42
CA ASP A 234 33.27 -20.61 -12.38
C ASP A 234 32.53 -20.27 -11.08
N GLY A 235 33.18 -20.49 -9.94
CA GLY A 235 32.69 -19.99 -8.66
C GLY A 235 32.20 -21.13 -7.76
N PRO A 236 31.58 -20.83 -6.60
CA PRO A 236 31.25 -19.45 -6.22
C PRO A 236 32.48 -18.59 -5.95
N MET A 237 32.37 -17.30 -6.29
CA MET A 237 33.42 -16.34 -6.01
C MET A 237 32.79 -15.13 -5.34
N GLY A 238 33.58 -14.36 -4.59
CA GLY A 238 33.14 -13.06 -4.13
C GLY A 238 32.67 -12.20 -5.30
N ALA A 239 31.46 -11.68 -5.18
CA ALA A 239 30.87 -10.83 -6.19
C ALA A 239 31.82 -9.70 -6.63
N ASP A 240 32.34 -8.97 -5.65
CA ASP A 240 33.22 -7.82 -5.86
C ASP A 240 34.43 -8.22 -6.71
N MET A 241 35.00 -9.39 -6.43
CA MET A 241 36.22 -9.84 -7.06
C MET A 241 35.98 -10.22 -8.51
N VAL A 242 34.94 -11.03 -8.77
CA VAL A 242 34.68 -11.51 -10.12
C VAL A 242 34.36 -10.33 -11.02
N LEU A 243 33.44 -9.47 -10.58
CA LEU A 243 32.98 -8.36 -11.40
C LEU A 243 34.18 -7.53 -11.84
N ALA A 244 35.15 -7.35 -10.94
CA ALA A 244 36.32 -6.51 -11.20
C ALA A 244 37.15 -7.05 -12.35
N GLN A 245 37.23 -8.39 -12.48
CA GLN A 245 38.01 -9.05 -13.53
C GLN A 245 37.45 -8.75 -14.92
N ARG A 246 36.12 -8.81 -15.06
CA ARG A 246 35.45 -8.52 -16.32
C ARG A 246 35.88 -9.51 -17.40
N LYS A 247 35.70 -10.81 -17.13
CA LYS A 247 36.14 -11.85 -18.05
C LYS A 247 35.09 -12.96 -18.14
N HIS A 248 33.82 -12.57 -17.96
CA HIS A 248 32.70 -13.50 -18.07
C HIS A 248 31.57 -12.82 -18.84
N ASP A 249 30.77 -13.62 -19.53
CA ASP A 249 29.69 -13.11 -20.36
C ASP A 249 28.40 -13.02 -19.56
N LEU A 250 28.35 -13.75 -18.43
CA LEU A 250 27.15 -13.84 -17.64
C LEU A 250 27.51 -14.04 -16.18
N TYR A 251 26.84 -13.30 -15.30
CA TYR A 251 27.03 -13.42 -13.87
C TYR A 251 25.73 -13.88 -13.23
N VAL A 252 25.84 -14.65 -12.15
CA VAL A 252 24.67 -15.12 -11.45
C VAL A 252 24.66 -14.49 -10.06
N ALA A 253 23.72 -13.57 -9.82
CA ALA A 253 23.65 -12.90 -8.53
C ALA A 253 22.69 -13.66 -7.62
N MET A 254 23.09 -13.83 -6.35
CA MET A 254 22.22 -14.50 -5.40
C MET A 254 21.14 -13.55 -4.90
N LEU A 255 21.48 -12.25 -4.76
CA LEU A 255 20.64 -11.26 -4.11
C LEU A 255 20.48 -10.03 -5.00
N HIS A 256 19.35 -9.34 -4.80
CA HIS A 256 18.98 -8.19 -5.59
C HIS A 256 20.16 -7.22 -5.73
N ASP A 257 20.68 -6.74 -4.60
CA ASP A 257 21.65 -5.65 -4.61
C ASP A 257 22.98 -6.05 -5.26
N GLN A 258 23.35 -7.33 -5.15
CA GLN A 258 24.59 -7.78 -5.75
C GLN A 258 24.58 -7.55 -7.25
N GLY A 259 23.41 -7.67 -7.87
CA GLY A 259 23.31 -7.58 -9.31
C GLY A 259 22.94 -6.17 -9.76
N HIS A 260 22.16 -5.46 -8.94
CA HIS A 260 21.61 -4.17 -9.33
C HIS A 260 22.67 -3.08 -9.24
N ILE A 261 23.59 -3.19 -8.28
CA ILE A 261 24.57 -2.13 -8.04
C ILE A 261 25.51 -1.98 -9.25
N PRO A 262 26.14 -3.08 -9.74
CA PRO A 262 27.08 -2.95 -10.84
C PRO A 262 26.45 -2.34 -12.10
N ILE A 263 25.20 -2.70 -12.36
CA ILE A 263 24.51 -2.30 -13.59
C ILE A 263 24.19 -0.80 -13.53
N LYS A 264 23.63 -0.32 -12.41
CA LYS A 264 23.25 1.09 -12.34
C LYS A 264 24.49 1.97 -12.35
N LEU A 265 25.64 1.44 -11.90
CA LEU A 265 26.88 2.21 -11.86
C LEU A 265 27.46 2.41 -13.26
N LEU A 266 27.62 1.31 -14.01
CA LEU A 266 28.23 1.33 -15.32
C LEU A 266 27.29 1.86 -16.41
N ALA A 267 25.98 1.65 -16.22
CA ALA A 267 24.99 1.89 -17.25
C ALA A 267 23.82 2.68 -16.66
N PRO A 268 24.04 3.94 -16.25
CA PRO A 268 23.06 4.67 -15.43
C PRO A 268 21.73 4.80 -16.15
N ASN A 269 21.78 5.04 -17.47
CA ASN A 269 20.68 4.82 -18.39
C ASN A 269 21.28 4.09 -19.59
N GLY A 270 20.62 3.02 -20.02
CA GLY A 270 21.26 2.04 -20.87
C GLY A 270 20.84 0.63 -20.54
N ALA A 271 20.34 0.41 -19.31
CA ALA A 271 20.14 -0.94 -18.78
C ALA A 271 18.80 -1.51 -19.24
N SER A 272 18.79 -2.77 -19.67
CA SER A 272 17.57 -3.46 -20.04
C SER A 272 17.30 -4.51 -18.97
N ALA A 273 16.01 -4.72 -18.67
CA ALA A 273 15.59 -5.74 -17.73
C ALA A 273 14.80 -6.82 -18.48
N LEU A 274 15.37 -8.03 -18.56
CA LEU A 274 14.71 -9.13 -19.26
C LEU A 274 14.07 -10.06 -18.24
N SER A 275 12.77 -10.31 -18.40
CA SER A 275 12.10 -11.35 -17.65
C SER A 275 12.16 -12.65 -18.46
N ILE A 276 12.60 -13.75 -17.82
CA ILE A 276 12.86 -14.98 -18.55
C ILE A 276 12.16 -16.15 -17.90
N GLY A 277 11.27 -16.78 -18.67
CA GLY A 277 10.53 -17.95 -18.23
C GLY A 277 10.19 -18.84 -19.42
N GLY A 278 10.43 -20.15 -19.25
CA GLY A 278 10.28 -21.05 -20.38
C GLY A 278 11.12 -20.57 -21.56
N ARG A 279 10.51 -20.53 -22.74
CA ARG A 279 11.19 -20.11 -23.96
C ARG A 279 11.05 -18.61 -24.18
N VAL A 280 10.36 -17.91 -23.26
CA VAL A 280 9.96 -16.54 -23.49
C VAL A 280 10.96 -15.60 -22.85
N VAL A 281 11.37 -14.58 -23.62
CA VAL A 281 12.18 -13.49 -23.11
C VAL A 281 11.42 -12.21 -23.33
N LEU A 282 11.16 -11.47 -22.25
CA LEU A 282 10.36 -10.26 -22.30
C LEU A 282 11.17 -9.11 -21.73
N SER A 283 11.42 -8.09 -22.53
CA SER A 283 12.08 -6.89 -22.03
C SER A 283 11.08 -5.78 -21.87
N SER A 284 11.31 -4.91 -20.90
CA SER A 284 10.65 -3.62 -20.88
C SER A 284 11.56 -2.62 -21.59
N VAL A 285 10.99 -1.44 -21.85
CA VAL A 285 11.75 -0.25 -22.16
C VAL A 285 12.05 0.36 -20.80
N GLY A 286 13.09 1.16 -20.66
CA GLY A 286 13.59 1.47 -19.33
C GLY A 286 12.90 2.67 -18.67
N HIS A 287 11.65 2.93 -19.02
CA HIS A 287 11.02 4.18 -18.59
C HIS A 287 9.52 3.96 -18.47
N GLY A 288 8.83 4.94 -17.88
CA GLY A 288 7.40 4.84 -17.63
C GLY A 288 6.57 5.37 -18.80
N SER A 289 5.26 5.46 -18.56
CA SER A 289 4.28 5.75 -19.60
C SER A 289 4.19 7.25 -19.90
N ALA A 290 4.77 8.09 -19.04
CA ALA A 290 4.97 9.52 -19.33
C ALA A 290 3.66 10.20 -19.69
N MET A 291 2.69 10.11 -18.77
CA MET A 291 1.35 10.59 -19.02
C MET A 291 1.36 12.09 -19.31
N ASP A 292 2.31 12.84 -18.76
CA ASP A 292 2.33 14.30 -18.93
C ASP A 292 2.63 14.72 -20.37
N ILE A 293 3.28 13.85 -21.17
CA ILE A 293 3.62 14.22 -22.54
C ILE A 293 2.88 13.35 -23.56
N ALA A 294 2.05 12.41 -23.08
CA ALA A 294 1.37 11.53 -24.01
C ALA A 294 0.49 12.36 -24.94
N GLY A 295 0.56 12.01 -26.22
CA GLY A 295 -0.39 12.50 -27.20
C GLY A 295 0.01 13.85 -27.75
N ARG A 296 1.24 14.30 -27.48
CA ARG A 296 1.73 15.59 -27.93
C ARG A 296 2.79 15.43 -29.02
N GLY A 297 3.24 14.19 -29.25
CA GLY A 297 4.11 13.85 -30.35
C GLY A 297 5.59 14.17 -30.08
N VAL A 298 6.03 14.18 -28.81
CA VAL A 298 7.35 14.63 -28.44
C VAL A 298 8.18 13.54 -27.75
N ALA A 299 7.67 12.30 -27.69
CA ALA A 299 8.32 11.23 -26.99
C ALA A 299 9.49 10.69 -27.78
N ASP A 300 10.53 10.31 -27.05
CA ASP A 300 11.75 9.75 -27.62
C ASP A 300 11.70 8.22 -27.67
N ALA A 301 12.16 7.67 -28.80
CA ALA A 301 12.04 6.26 -29.12
C ALA A 301 13.36 5.53 -28.96
N THR A 302 14.39 6.27 -28.51
CA THR A 302 15.75 5.77 -28.40
C THR A 302 15.80 4.51 -27.52
N ALA A 303 15.06 4.54 -26.40
CA ALA A 303 15.12 3.44 -25.45
C ALA A 303 14.49 2.19 -26.06
N LEU A 304 13.41 2.37 -26.82
CA LEU A 304 12.77 1.24 -27.49
C LEU A 304 13.72 0.69 -28.54
N LEU A 305 14.34 1.55 -29.36
CA LEU A 305 15.24 1.10 -30.40
C LEU A 305 16.40 0.29 -29.80
N ARG A 306 16.88 0.74 -28.64
CA ARG A 306 17.99 0.08 -27.98
C ARG A 306 17.58 -1.32 -27.52
N THR A 307 16.32 -1.47 -27.04
CA THR A 307 15.79 -2.74 -26.58
C THR A 307 15.63 -3.68 -27.77
N ILE A 308 15.17 -3.14 -28.91
CA ILE A 308 15.03 -3.92 -30.14
C ILE A 308 16.39 -4.40 -30.62
N ALA A 309 17.41 -3.52 -30.60
CA ALA A 309 18.74 -3.89 -31.02
C ALA A 309 19.29 -5.04 -30.17
N LEU A 310 18.96 -5.03 -28.88
CA LEU A 310 19.48 -6.00 -27.94
C LEU A 310 18.83 -7.37 -28.17
N LEU A 311 17.50 -7.40 -28.34
CA LEU A 311 16.77 -8.65 -28.50
C LEU A 311 16.85 -9.11 -29.94
N GLY A 312 17.17 -8.20 -30.87
CA GLY A 312 17.13 -8.52 -32.29
C GLY A 312 18.49 -8.93 -32.84
N ALA A 313 19.44 -9.28 -31.97
CA ALA A 313 20.83 -9.42 -32.38
C ALA A 313 21.07 -10.69 -33.19
N GLN A 314 22.04 -10.63 -34.10
CA GLN A 314 22.39 -11.73 -35.00
C GLN A 314 22.82 -12.96 -34.19
N PRO A 315 22.21 -14.14 -34.46
CA PRO A 315 22.46 -15.36 -33.67
C PRO A 315 23.92 -15.52 -33.23
N HIS B 1 -47.84 -26.41 -3.18
CA HIS B 1 -48.28 -27.06 -1.91
C HIS B 1 -48.52 -25.97 -0.85
N MET B 2 -47.55 -25.08 -0.61
CA MET B 2 -47.70 -23.97 0.34
C MET B 2 -48.84 -23.05 -0.10
N THR B 3 -49.72 -22.65 0.84
CA THR B 3 -50.65 -21.56 0.60
C THR B 3 -49.97 -20.24 1.00
N ILE B 4 -49.96 -19.29 0.06
CA ILE B 4 -49.28 -18.02 0.25
C ILE B 4 -50.26 -16.85 0.30
N VAL B 5 -51.54 -17.07 -0.02
CA VAL B 5 -52.54 -16.01 0.00
C VAL B 5 -53.60 -16.33 1.05
N HIS B 6 -53.75 -15.46 2.06
CA HIS B 6 -54.66 -15.75 3.16
C HIS B 6 -55.64 -14.59 3.40
N ARG B 7 -55.71 -13.66 2.45
CA ARG B 7 -56.61 -12.53 2.54
C ARG B 7 -56.90 -12.01 1.13
N ARG B 8 -57.89 -11.13 1.01
CA ARG B 8 -58.27 -10.63 -0.30
C ARG B 8 -57.27 -9.58 -0.75
N LEU B 9 -56.88 -9.67 -2.04
CA LEU B 9 -55.94 -8.73 -2.64
C LEU B 9 -56.49 -8.26 -3.98
N ALA B 10 -56.17 -7.01 -4.33
CA ALA B 10 -56.34 -6.49 -5.68
C ALA B 10 -55.01 -6.56 -6.41
N LEU B 11 -55.05 -6.98 -7.68
CA LEU B 11 -53.87 -7.00 -8.53
C LEU B 11 -54.12 -6.10 -9.75
N ALA B 12 -53.44 -4.95 -9.84
CA ALA B 12 -53.51 -4.09 -11.02
C ALA B 12 -52.43 -4.51 -12.02
N ILE B 13 -52.78 -4.73 -13.29
CA ILE B 13 -51.91 -5.49 -14.17
C ILE B 13 -50.89 -4.61 -14.88
N GLY B 14 -50.87 -3.31 -14.56
CA GLY B 14 -49.81 -2.42 -14.99
C GLY B 14 -49.99 -2.00 -16.44
N ASP B 15 -48.88 -1.63 -17.08
CA ASP B 15 -48.88 -1.29 -18.48
C ASP B 15 -49.28 -2.52 -19.26
N PRO B 16 -50.40 -2.45 -20.02
CA PRO B 16 -50.91 -3.61 -20.75
C PRO B 16 -50.11 -3.96 -22.00
N HIS B 17 -49.13 -3.13 -22.35
CA HIS B 17 -48.21 -3.41 -23.45
C HIS B 17 -46.94 -4.05 -22.91
N GLY B 18 -46.74 -3.99 -21.58
CA GLY B 18 -45.59 -4.59 -20.95
C GLY B 18 -45.83 -6.06 -20.60
N ILE B 19 -45.03 -6.58 -19.65
CA ILE B 19 -45.05 -7.96 -19.20
C ILE B 19 -46.01 -8.15 -18.03
N GLY B 20 -46.58 -7.07 -17.51
CA GLY B 20 -47.49 -7.08 -16.37
C GLY B 20 -48.62 -8.11 -16.53
N PRO B 21 -49.41 -8.04 -17.63
CA PRO B 21 -50.43 -9.06 -17.91
C PRO B 21 -49.90 -10.49 -17.83
N GLU B 22 -48.78 -10.74 -18.49
CA GLU B 22 -48.23 -12.08 -18.61
C GLU B 22 -47.84 -12.66 -17.26
N ILE B 23 -47.22 -11.81 -16.41
CA ILE B 23 -46.75 -12.29 -15.11
C ILE B 23 -47.94 -12.37 -14.15
N ALA B 24 -49.01 -11.63 -14.40
CA ALA B 24 -50.18 -11.75 -13.55
C ALA B 24 -50.78 -13.14 -13.72
N LEU B 25 -50.92 -13.58 -14.98
CA LEU B 25 -51.46 -14.88 -15.30
C LEU B 25 -50.54 -15.97 -14.76
N LYS B 26 -49.23 -15.85 -15.01
CA LYS B 26 -48.30 -16.89 -14.61
C LYS B 26 -48.29 -17.06 -13.09
N ALA B 27 -48.49 -15.94 -12.38
CA ALA B 27 -48.60 -15.96 -10.92
C ALA B 27 -49.87 -16.69 -10.51
N LEU B 28 -51.01 -16.27 -11.08
CA LEU B 28 -52.31 -16.83 -10.71
C LEU B 28 -52.33 -18.32 -11.04
N GLN B 29 -51.65 -18.72 -12.11
CA GLN B 29 -51.58 -20.12 -12.52
C GLN B 29 -50.97 -20.94 -11.38
N GLN B 30 -49.92 -20.42 -10.74
CA GLN B 30 -49.21 -21.17 -9.70
C GLN B 30 -50.01 -21.31 -8.42
N LEU B 31 -51.07 -20.52 -8.24
CA LEU B 31 -51.87 -20.58 -7.03
C LEU B 31 -52.93 -21.67 -7.15
N SER B 32 -53.43 -22.11 -5.99
CA SER B 32 -54.55 -23.03 -5.94
C SER B 32 -55.85 -22.29 -6.30
N ALA B 33 -56.93 -23.05 -6.48
CA ALA B 33 -58.23 -22.51 -6.84
C ALA B 33 -58.76 -21.55 -5.77
N THR B 34 -58.58 -21.90 -4.50
CA THR B 34 -59.11 -21.10 -3.40
C THR B 34 -58.30 -19.80 -3.30
N GLU B 35 -56.98 -19.90 -3.50
CA GLU B 35 -56.12 -18.72 -3.50
C GLU B 35 -56.52 -17.77 -4.64
N ARG B 36 -56.78 -18.34 -5.82
CA ARG B 36 -57.10 -17.56 -7.00
C ARG B 36 -58.33 -16.72 -6.75
N SER B 37 -59.27 -17.26 -5.95
CA SER B 37 -60.54 -16.59 -5.73
C SER B 37 -60.41 -15.45 -4.71
N LEU B 38 -59.22 -15.27 -4.11
CA LEU B 38 -58.97 -14.16 -3.20
C LEU B 38 -58.32 -12.98 -3.94
N ILE B 39 -57.92 -13.17 -5.19
CA ILE B 39 -57.22 -12.15 -5.92
C ILE B 39 -58.13 -11.61 -7.02
N LYS B 40 -58.47 -10.32 -6.93
CA LYS B 40 -59.26 -9.66 -7.94
C LYS B 40 -58.33 -8.87 -8.85
N VAL B 41 -58.37 -9.15 -10.16
CA VAL B 41 -57.46 -8.55 -11.13
C VAL B 41 -58.11 -7.32 -11.74
N TYR B 42 -57.37 -6.21 -11.78
CA TYR B 42 -57.90 -4.96 -12.34
C TYR B 42 -57.10 -4.59 -13.58
N GLY B 43 -57.78 -4.41 -14.71
CA GLY B 43 -57.08 -4.12 -15.94
C GLY B 43 -57.94 -4.40 -17.14
N PRO B 44 -57.48 -4.05 -18.36
CA PRO B 44 -58.23 -4.35 -19.59
C PRO B 44 -58.23 -5.85 -19.86
N TRP B 45 -59.43 -6.39 -20.10
CA TRP B 45 -59.60 -7.80 -20.41
C TRP B 45 -58.79 -8.15 -21.66
N SER B 46 -58.76 -7.23 -22.63
CA SER B 46 -58.17 -7.48 -23.94
C SER B 46 -56.70 -7.86 -23.80
N ALA B 47 -56.01 -7.28 -22.80
CA ALA B 47 -54.61 -7.56 -22.57
C ALA B 47 -54.44 -8.93 -21.89
N LEU B 48 -55.34 -9.28 -20.98
CA LEU B 48 -55.27 -10.57 -20.33
C LEU B 48 -55.53 -11.68 -21.35
N GLU B 49 -56.51 -11.43 -22.24
CA GLU B 49 -56.83 -12.36 -23.32
C GLU B 49 -55.59 -12.58 -24.19
N GLN B 50 -54.98 -11.46 -24.61
CA GLN B 50 -53.81 -11.54 -25.48
C GLN B 50 -52.70 -12.34 -24.82
N ALA B 51 -52.37 -12.03 -23.57
CA ALA B 51 -51.29 -12.73 -22.89
C ALA B 51 -51.64 -14.21 -22.69
N ALA B 52 -52.92 -14.53 -22.44
CA ALA B 52 -53.29 -15.92 -22.21
C ALA B 52 -53.11 -16.73 -23.49
N GLN B 53 -53.35 -16.09 -24.65
CA GLN B 53 -53.22 -16.78 -25.93
C GLN B 53 -51.74 -17.06 -26.21
N ILE B 54 -50.88 -16.06 -26.01
CA ILE B 54 -49.46 -16.21 -26.26
C ILE B 54 -48.90 -17.30 -25.34
N CYS B 55 -49.28 -17.29 -24.06
CA CYS B 55 -48.79 -18.25 -23.07
C CYS B 55 -49.56 -19.58 -23.06
N GLN B 56 -50.64 -19.66 -23.85
CA GLN B 56 -51.49 -20.85 -23.94
C GLN B 56 -52.06 -21.20 -22.57
N MET B 57 -52.67 -20.20 -21.93
CA MET B 57 -53.35 -20.37 -20.66
C MET B 57 -54.76 -19.80 -20.76
N GLU B 58 -55.45 -20.08 -21.88
CA GLU B 58 -56.81 -19.57 -22.07
C GLU B 58 -57.78 -20.14 -21.04
N SER B 59 -57.57 -21.39 -20.61
CA SER B 59 -58.50 -22.01 -19.67
C SER B 59 -58.44 -21.35 -18.28
N LEU B 60 -57.36 -20.60 -18.01
CA LEU B 60 -57.24 -19.91 -16.74
C LEU B 60 -58.20 -18.72 -16.67
N LEU B 61 -58.51 -18.10 -17.82
CA LEU B 61 -59.31 -16.87 -17.89
C LEU B 61 -60.68 -17.02 -17.27
N GLN B 62 -61.28 -18.22 -17.39
CA GLN B 62 -62.66 -18.41 -16.94
C GLN B 62 -62.72 -18.38 -15.42
N ASP B 63 -61.58 -18.63 -14.75
CA ASP B 63 -61.50 -18.72 -13.30
C ASP B 63 -61.09 -17.41 -12.64
N LEU B 64 -60.61 -16.44 -13.43
CA LEU B 64 -60.13 -15.19 -12.90
C LEU B 64 -61.28 -14.39 -12.32
N ILE B 65 -61.06 -13.77 -11.16
CA ILE B 65 -61.97 -12.73 -10.73
C ILE B 65 -61.43 -11.41 -11.25
N HIS B 66 -62.25 -10.69 -12.02
CA HIS B 66 -61.77 -9.59 -12.84
C HIS B 66 -62.71 -8.40 -12.76
N GLU B 67 -62.16 -7.20 -12.79
CA GLU B 67 -62.96 -6.01 -13.03
C GLU B 67 -62.30 -5.19 -14.13
N GLU B 68 -63.10 -4.81 -15.13
CA GLU B 68 -62.62 -4.00 -16.22
C GLU B 68 -62.21 -2.63 -15.68
N ALA B 69 -60.96 -2.26 -15.98
CA ALA B 69 -60.41 -0.94 -15.74
C ALA B 69 -59.34 -0.67 -16.79
N GLY B 70 -59.19 0.62 -17.14
CA GLY B 70 -58.17 1.01 -18.12
C GLY B 70 -58.40 0.37 -19.48
N SER B 71 -59.67 0.32 -19.92
CA SER B 71 -60.02 -0.22 -21.22
C SER B 71 -59.23 0.50 -22.30
N LEU B 72 -58.92 -0.23 -23.37
CA LEU B 72 -58.18 0.31 -24.50
C LEU B 72 -59.11 0.54 -25.68
N ALA B 73 -58.79 1.55 -26.49
CA ALA B 73 -59.63 1.93 -27.61
C ALA B 73 -59.15 1.26 -28.89
N GLN B 74 -57.96 0.62 -28.83
CA GLN B 74 -57.40 -0.10 -29.97
C GLN B 74 -56.82 -1.42 -29.47
N PRO B 75 -56.49 -2.38 -30.36
CA PRO B 75 -55.90 -3.63 -29.90
C PRO B 75 -54.56 -3.42 -29.19
N VAL B 76 -54.23 -4.34 -28.28
CA VAL B 76 -52.98 -4.35 -27.55
C VAL B 76 -51.82 -4.46 -28.53
N GLN B 77 -50.78 -3.62 -28.33
CA GLN B 77 -49.56 -3.70 -29.11
C GLN B 77 -48.40 -3.99 -28.15
N CYS B 78 -48.11 -5.27 -27.90
CA CYS B 78 -47.02 -5.65 -27.02
C CYS B 78 -45.74 -4.94 -27.45
N GLY B 79 -45.02 -4.38 -26.47
CA GLY B 79 -43.72 -3.79 -26.71
C GLY B 79 -43.76 -2.30 -27.05
N GLU B 80 -44.95 -1.74 -27.32
CA GLU B 80 -45.04 -0.36 -27.77
C GLU B 80 -45.37 0.58 -26.62
N ILE B 81 -44.56 1.63 -26.46
CA ILE B 81 -44.82 2.70 -25.52
C ILE B 81 -45.87 3.62 -26.13
N THR B 82 -47.05 3.74 -25.50
CA THR B 82 -48.12 4.56 -26.03
C THR B 82 -48.85 5.27 -24.89
N PRO B 83 -49.29 6.52 -25.10
CA PRO B 83 -50.05 7.24 -24.09
C PRO B 83 -51.27 6.48 -23.57
N GLN B 84 -51.97 5.81 -24.48
CA GLN B 84 -53.16 5.04 -24.14
C GLN B 84 -52.81 3.99 -23.07
N ALA B 85 -51.67 3.32 -23.27
CA ALA B 85 -51.21 2.30 -22.36
C ALA B 85 -50.90 2.92 -21.00
N GLY B 86 -50.42 4.16 -21.02
CA GLY B 86 -50.07 4.84 -19.80
C GLY B 86 -51.31 5.16 -18.98
N LEU B 87 -52.33 5.70 -19.66
CA LEU B 87 -53.59 6.00 -19.01
C LEU B 87 -54.15 4.72 -18.42
N SER B 88 -54.11 3.63 -19.19
CA SER B 88 -54.61 2.33 -18.75
C SER B 88 -54.00 1.97 -17.40
N THR B 89 -52.68 2.06 -17.30
CA THR B 89 -51.94 1.73 -16.08
C THR B 89 -52.48 2.46 -14.87
N VAL B 90 -52.70 3.78 -15.02
CA VAL B 90 -53.11 4.59 -13.89
C VAL B 90 -54.56 4.27 -13.50
N GLN B 91 -55.41 4.01 -14.49
CA GLN B 91 -56.80 3.69 -14.25
C GLN B 91 -56.94 2.34 -13.55
N SER B 92 -56.16 1.34 -13.99
CA SER B 92 -56.26 0.03 -13.39
C SER B 92 -55.79 0.11 -11.94
N ALA B 93 -54.72 0.87 -11.71
CA ALA B 93 -54.18 1.02 -10.36
C ALA B 93 -55.16 1.81 -9.49
N THR B 94 -55.74 2.87 -10.04
CA THR B 94 -56.70 3.66 -9.31
C THR B 94 -57.89 2.79 -8.90
N ALA B 95 -58.34 1.88 -9.76
CA ALA B 95 -59.53 1.10 -9.44
C ALA B 95 -59.21 0.08 -8.36
N ALA B 96 -57.97 -0.44 -8.34
CA ALA B 96 -57.56 -1.35 -7.29
C ALA B 96 -57.50 -0.62 -5.95
N ILE B 97 -56.91 0.58 -5.97
CA ILE B 97 -56.80 1.38 -4.75
C ILE B 97 -58.19 1.65 -4.21
N ARG B 98 -59.13 2.06 -5.06
CA ARG B 98 -60.49 2.37 -4.61
C ARG B 98 -61.17 1.15 -4.01
N ALA B 99 -60.83 -0.05 -4.51
CA ALA B 99 -61.42 -1.27 -3.98
C ALA B 99 -60.90 -1.58 -2.57
N CYS B 100 -59.63 -1.25 -2.33
CA CYS B 100 -59.03 -1.35 -1.00
C CYS B 100 -59.65 -0.30 -0.07
N GLU B 101 -59.79 0.94 -0.57
CA GLU B 101 -60.35 2.04 0.22
C GLU B 101 -61.76 1.70 0.71
N SER B 102 -62.54 1.01 -0.13
CA SER B 102 -63.93 0.71 0.17
C SER B 102 -64.07 -0.58 0.97
N GLY B 103 -62.96 -1.29 1.21
CA GLY B 103 -62.99 -2.46 2.07
C GLY B 103 -63.22 -3.78 1.31
N GLU B 104 -63.23 -3.73 -0.03
CA GLU B 104 -63.45 -4.92 -0.83
C GLU B 104 -62.23 -5.83 -0.79
N VAL B 105 -61.04 -5.23 -0.72
CA VAL B 105 -59.79 -5.96 -0.58
C VAL B 105 -59.00 -5.37 0.59
N ASP B 106 -57.98 -6.09 1.04
CA ASP B 106 -57.17 -5.71 2.18
C ASP B 106 -55.84 -5.08 1.72
N ALA B 107 -55.42 -5.33 0.47
CA ALA B 107 -54.19 -4.72 -0.02
C ALA B 107 -54.09 -4.80 -1.54
N VAL B 108 -53.15 -4.04 -2.11
CA VAL B 108 -53.06 -3.83 -3.54
C VAL B 108 -51.65 -4.10 -4.02
N ILE B 109 -51.55 -4.80 -5.15
CA ILE B 109 -50.28 -4.99 -5.81
C ILE B 109 -50.38 -4.39 -7.20
N ALA B 110 -49.42 -3.53 -7.56
CA ALA B 110 -49.37 -2.96 -8.89
C ALA B 110 -48.27 -3.62 -9.70
N CYS B 111 -48.62 -4.20 -10.85
CA CYS B 111 -47.62 -4.75 -11.76
C CYS B 111 -46.85 -3.61 -12.39
N PRO B 112 -45.76 -3.89 -13.15
CA PRO B 112 -44.89 -2.84 -13.67
C PRO B 112 -45.50 -1.78 -14.59
N HIS B 113 -45.21 -0.52 -14.28
CA HIS B 113 -45.67 0.60 -15.09
C HIS B 113 -44.53 1.00 -16.01
N HIS B 114 -44.82 1.89 -16.97
CA HIS B 114 -43.79 2.53 -17.79
C HIS B 114 -43.91 4.05 -17.63
N GLU B 115 -42.87 4.69 -17.10
CA GLU B 115 -42.94 6.09 -16.70
C GLU B 115 -43.19 6.98 -17.91
N THR B 116 -42.59 6.63 -19.06
CA THR B 116 -42.70 7.44 -20.27
C THR B 116 -44.14 7.37 -20.79
N ALA B 117 -44.77 6.20 -20.69
CA ALA B 117 -46.12 6.04 -21.18
C ALA B 117 -47.06 6.94 -20.39
N ILE B 118 -46.88 6.95 -19.07
CA ILE B 118 -47.74 7.76 -18.21
C ILE B 118 -47.53 9.25 -18.53
N HIS B 119 -46.27 9.68 -18.68
CA HIS B 119 -45.94 11.07 -18.97
C HIS B 119 -46.57 11.50 -20.29
N ARG B 120 -46.50 10.63 -21.32
CA ARG B 120 -47.05 10.95 -22.62
C ARG B 120 -48.57 11.09 -22.59
N ALA B 121 -49.24 10.47 -21.63
CA ALA B 121 -50.68 10.65 -21.45
C ALA B 121 -51.00 11.99 -20.80
N GLY B 122 -49.96 12.73 -20.40
CA GLY B 122 -50.13 14.02 -19.75
C GLY B 122 -50.41 13.87 -18.26
N ILE B 123 -50.08 12.71 -17.69
CA ILE B 123 -50.34 12.45 -16.29
C ILE B 123 -49.04 12.60 -15.51
N ALA B 124 -49.10 13.43 -14.45
CA ALA B 124 -48.00 13.60 -13.52
C ALA B 124 -47.91 12.37 -12.62
N PHE B 125 -46.72 11.78 -12.53
CA PHE B 125 -46.52 10.59 -11.72
C PHE B 125 -45.10 10.65 -11.18
N SER B 126 -44.97 10.56 -9.86
CA SER B 126 -43.66 10.61 -9.21
C SER B 126 -43.50 9.44 -8.24
N GLY B 127 -44.22 8.34 -8.50
CA GLY B 127 -44.18 7.19 -7.61
C GLY B 127 -45.54 6.90 -6.99
N TYR B 128 -45.63 5.71 -6.39
CA TYR B 128 -46.88 5.19 -5.87
C TYR B 128 -47.34 6.01 -4.66
N PRO B 129 -46.44 6.50 -3.78
CA PRO B 129 -46.88 7.35 -2.66
C PRO B 129 -47.68 8.57 -3.13
N SER B 130 -47.27 9.20 -4.25
CA SER B 130 -47.96 10.39 -4.72
C SER B 130 -49.31 9.99 -5.33
N LEU B 131 -49.32 8.89 -6.08
CA LEU B 131 -50.55 8.40 -6.72
C LEU B 131 -51.56 8.03 -5.65
N LEU B 132 -51.10 7.29 -4.64
CA LEU B 132 -51.98 6.79 -3.59
C LEU B 132 -52.61 7.97 -2.84
N ALA B 133 -51.82 9.00 -2.57
CA ALA B 133 -52.33 10.20 -1.91
C ALA B 133 -53.40 10.86 -2.79
N ASN B 134 -53.09 10.95 -4.08
CA ASN B 134 -53.93 11.64 -5.03
C ASN B 134 -55.29 10.95 -5.14
N VAL B 135 -55.27 9.63 -5.26
CA VAL B 135 -56.49 8.85 -5.38
C VAL B 135 -57.31 8.91 -4.09
N LEU B 136 -56.66 8.79 -2.93
CA LEU B 136 -57.36 8.76 -1.67
C LEU B 136 -57.73 10.17 -1.19
N GLY B 137 -57.24 11.20 -1.91
CA GLY B 137 -57.56 12.58 -1.58
C GLY B 137 -56.92 13.04 -0.27
N MET B 138 -55.70 12.57 0.00
CA MET B 138 -54.94 12.96 1.18
C MET B 138 -53.69 13.70 0.70
N ASN B 139 -52.94 14.30 1.64
CA ASN B 139 -51.71 14.96 1.26
C ASN B 139 -50.58 13.95 1.24
N GLU B 140 -49.51 14.24 0.49
CA GLU B 140 -48.37 13.34 0.42
C GLU B 140 -47.71 13.17 1.79
N ASP B 141 -47.98 14.11 2.70
CA ASP B 141 -47.44 14.14 4.05
C ASP B 141 -48.05 13.04 4.91
N GLU B 142 -49.25 12.56 4.54
CA GLU B 142 -50.01 11.59 5.33
C GLU B 142 -49.94 10.18 4.75
N VAL B 143 -49.12 10.01 3.70
CA VAL B 143 -48.83 8.71 3.12
C VAL B 143 -47.37 8.39 3.37
N PHE B 144 -47.12 7.20 3.91
CA PHE B 144 -45.81 6.84 4.41
C PHE B 144 -45.28 5.68 3.58
N LEU B 145 -43.96 5.70 3.36
CA LEU B 145 -43.28 4.61 2.65
C LEU B 145 -42.62 3.68 3.67
N MET B 146 -42.93 2.39 3.57
CA MET B 146 -42.30 1.38 4.40
C MET B 146 -41.47 0.45 3.51
N LEU B 147 -40.16 0.37 3.76
CA LEU B 147 -39.29 -0.50 2.99
C LEU B 147 -39.18 -1.80 3.78
N VAL B 148 -39.24 -2.93 3.06
CA VAL B 148 -39.12 -4.23 3.70
C VAL B 148 -38.10 -5.06 2.94
N GLY B 149 -37.09 -5.54 3.67
CA GLY B 149 -36.00 -6.25 3.05
C GLY B 149 -35.03 -6.80 4.09
N ALA B 150 -34.67 -8.08 3.90
CA ALA B 150 -33.62 -8.74 4.68
C ALA B 150 -33.91 -8.68 6.19
N GLY B 151 -35.18 -8.94 6.56
CA GLY B 151 -35.58 -8.97 7.96
C GLY B 151 -36.06 -7.61 8.46
N LEU B 152 -35.56 -6.53 7.85
CA LEU B 152 -35.78 -5.18 8.33
C LEU B 152 -37.12 -4.68 7.79
N ARG B 153 -37.85 -3.95 8.64
CA ARG B 153 -38.99 -3.15 8.20
C ARG B 153 -38.80 -1.71 8.69
N ILE B 154 -38.83 -0.74 7.78
CA ILE B 154 -38.51 0.65 8.14
C ILE B 154 -39.50 1.62 7.51
N VAL B 155 -40.28 2.30 8.36
CA VAL B 155 -41.22 3.29 7.88
C VAL B 155 -40.54 4.68 7.92
N HIS B 156 -40.81 5.51 6.91
CA HIS B 156 -40.18 6.83 6.82
C HIS B 156 -41.15 7.92 7.23
N VAL B 157 -40.81 8.70 8.25
CA VAL B 157 -41.72 9.74 8.70
C VAL B 157 -41.72 10.89 7.69
N THR B 158 -40.56 11.18 7.08
CA THR B 158 -40.50 12.08 5.93
C THR B 158 -39.81 11.35 4.78
N LEU B 159 -39.92 11.94 3.59
CA LEU B 159 -39.37 11.37 2.37
C LEU B 159 -39.28 12.47 1.33
N HIS B 160 -38.24 12.45 0.50
CA HIS B 160 -38.22 13.25 -0.74
C HIS B 160 -38.54 14.73 -0.49
N GLU B 161 -37.67 15.34 0.30
CA GLU B 161 -37.56 16.77 0.48
C GLU B 161 -36.20 17.01 1.11
N SER B 162 -35.75 18.25 1.08
CA SER B 162 -34.48 18.62 1.68
C SER B 162 -34.53 18.25 3.15
N VAL B 163 -33.36 17.99 3.72
CA VAL B 163 -33.24 17.66 5.12
C VAL B 163 -33.79 18.82 5.95
N ARG B 164 -33.46 20.06 5.58
CA ARG B 164 -33.91 21.21 6.37
C ARG B 164 -35.43 21.30 6.33
N SER B 165 -36.00 21.07 5.15
CA SER B 165 -37.45 21.08 5.01
C SER B 165 -38.10 19.96 5.82
N ALA B 166 -37.47 18.77 5.87
CA ALA B 166 -37.97 17.64 6.66
C ALA B 166 -37.99 17.99 8.15
N LEU B 167 -36.92 18.65 8.62
CA LEU B 167 -36.80 19.00 10.02
C LEU B 167 -37.89 19.99 10.42
N GLU B 168 -38.24 20.90 9.51
CA GLU B 168 -39.24 21.92 9.81
C GLU B 168 -40.63 21.29 9.91
N ARG B 169 -40.85 20.15 9.25
CA ARG B 169 -42.18 19.54 9.27
C ARG B 169 -42.30 18.52 10.41
N LEU B 170 -41.20 17.96 10.90
CA LEU B 170 -41.29 16.96 11.93
C LEU B 170 -42.06 17.53 13.12
N SER B 171 -43.03 16.76 13.62
CA SER B 171 -43.75 17.06 14.85
C SER B 171 -44.08 15.75 15.57
N PRO B 172 -44.47 15.76 16.86
CA PRO B 172 -44.86 14.53 17.56
C PRO B 172 -45.99 13.81 16.82
N GLN B 173 -46.96 14.58 16.33
CA GLN B 173 -48.13 13.99 15.69
C GLN B 173 -47.73 13.27 14.40
N LEU B 174 -46.84 13.88 13.61
CA LEU B 174 -46.39 13.25 12.37
C LEU B 174 -45.74 11.90 12.66
N VAL B 175 -44.94 11.83 13.73
CA VAL B 175 -44.25 10.60 14.10
C VAL B 175 -45.26 9.55 14.53
N ILE B 176 -46.29 9.97 15.29
CA ILE B 176 -47.33 9.05 15.77
C ILE B 176 -48.12 8.50 14.59
N ASN B 177 -48.44 9.34 13.61
CA ASN B 177 -49.24 8.93 12.46
C ASN B 177 -48.48 7.90 11.63
N ALA B 178 -47.18 8.12 11.49
CA ALA B 178 -46.32 7.20 10.75
C ALA B 178 -46.32 5.83 11.42
N VAL B 179 -46.22 5.83 12.74
CA VAL B 179 -46.13 4.58 13.49
C VAL B 179 -47.46 3.86 13.48
N ASP B 180 -48.57 4.58 13.64
CA ASP B 180 -49.90 3.97 13.58
C ASP B 180 -50.10 3.28 12.24
N ALA B 181 -49.84 4.00 11.15
CA ALA B 181 -49.90 3.45 9.81
C ALA B 181 -49.03 2.20 9.68
N ALA B 182 -47.80 2.26 10.22
CA ALA B 182 -46.83 1.19 10.06
C ALA B 182 -47.23 -0.01 10.91
N VAL B 183 -47.84 0.23 12.08
CA VAL B 183 -48.26 -0.84 12.98
C VAL B 183 -49.42 -1.61 12.36
N GLN B 184 -50.37 -0.91 11.77
CA GLN B 184 -51.51 -1.55 11.13
C GLN B 184 -51.04 -2.39 9.95
N THR B 185 -50.03 -1.89 9.23
CA THR B 185 -49.47 -2.64 8.12
C THR B 185 -48.76 -3.89 8.65
N CYS B 186 -48.12 -3.79 9.81
CA CYS B 186 -47.42 -4.93 10.38
C CYS B 186 -48.39 -6.08 10.66
N THR B 187 -49.57 -5.74 11.18
CA THR B 187 -50.64 -6.71 11.39
C THR B 187 -50.89 -7.47 10.10
N LEU B 188 -50.97 -6.75 8.98
CA LEU B 188 -51.23 -7.33 7.68
C LEU B 188 -50.07 -8.24 7.24
N LEU B 189 -48.83 -7.91 7.64
CA LEU B 189 -47.66 -8.64 7.21
C LEU B 189 -47.40 -9.86 8.10
N GLY B 190 -48.23 -10.04 9.14
CA GLY B 190 -48.21 -11.24 9.98
C GLY B 190 -47.44 -11.05 11.28
N VAL B 191 -47.38 -9.81 11.77
CA VAL B 191 -46.74 -9.48 13.04
C VAL B 191 -47.73 -8.67 13.87
N PRO B 192 -48.58 -9.33 14.70
CA PRO B 192 -49.54 -8.62 15.54
C PRO B 192 -49.00 -7.75 16.68
N LYS B 193 -47.95 -8.16 17.40
CA LYS B 193 -47.48 -7.45 18.58
C LYS B 193 -46.08 -6.90 18.33
N PRO B 194 -45.93 -5.94 17.38
CA PRO B 194 -44.59 -5.55 16.94
C PRO B 194 -43.80 -4.74 17.97
N GLN B 195 -42.49 -5.05 18.03
CA GLN B 195 -41.53 -4.29 18.82
C GLN B 195 -40.94 -3.18 17.94
N VAL B 196 -41.17 -1.92 18.35
CA VAL B 196 -40.89 -0.78 17.50
C VAL B 196 -39.65 -0.05 18.03
N ALA B 197 -38.80 0.41 17.11
CA ALA B 197 -37.67 1.24 17.48
C ALA B 197 -37.71 2.56 16.71
N VAL B 198 -37.66 3.67 17.45
CA VAL B 198 -37.75 5.00 16.86
C VAL B 198 -36.35 5.58 16.75
N PHE B 199 -35.91 5.92 15.53
CA PHE B 199 -34.63 6.59 15.33
C PHE B 199 -34.69 8.01 15.90
N GLY B 200 -33.54 8.50 16.35
CA GLY B 200 -33.39 9.89 16.71
C GLY B 200 -33.19 10.76 15.47
N ILE B 201 -33.58 12.02 15.59
CA ILE B 201 -33.40 13.00 14.52
C ILE B 201 -31.92 13.36 14.42
N ASN B 202 -31.34 13.68 15.58
CA ASN B 202 -29.94 14.07 15.69
C ASN B 202 -29.10 12.87 16.09
N PRO B 203 -27.77 12.91 15.87
CA PRO B 203 -26.89 11.82 16.31
C PRO B 203 -27.12 11.47 17.77
N HIS B 204 -27.06 10.15 18.10
CA HIS B 204 -27.20 9.66 19.46
C HIS B 204 -28.55 10.08 20.07
N ALA B 205 -29.55 10.29 19.23
CA ALA B 205 -30.84 10.82 19.68
C ALA B 205 -30.66 12.09 20.52
N SER B 206 -29.70 12.96 20.12
CA SER B 206 -29.42 14.25 20.75
C SER B 206 -28.67 14.13 22.08
N GLU B 207 -28.36 12.90 22.52
CA GLU B 207 -27.69 12.66 23.80
C GLU B 207 -28.36 13.47 24.89
N GLY B 208 -29.65 13.18 25.14
CA GLY B 208 -30.46 14.03 25.99
C GLY B 208 -30.79 15.32 25.26
N GLN B 209 -30.02 16.39 25.53
CA GLN B 209 -30.21 17.67 24.87
C GLN B 209 -28.88 18.28 24.46
N LEU B 210 -27.83 17.47 24.41
CA LEU B 210 -26.48 17.98 24.20
C LEU B 210 -26.29 18.37 22.73
N PHE B 211 -26.99 17.70 21.81
CA PHE B 211 -26.81 17.96 20.39
C PHE B 211 -28.14 18.41 19.78
N GLY B 212 -28.78 19.39 20.46
CA GLY B 212 -29.99 20.00 19.98
C GLY B 212 -31.21 19.52 20.76
N LEU B 213 -32.31 20.26 20.60
CA LEU B 213 -33.52 20.02 21.36
C LEU B 213 -34.51 19.14 20.61
N GLU B 214 -34.25 18.87 19.34
CA GLU B 214 -35.26 18.31 18.44
C GLU B 214 -35.87 17.04 19.04
N ASP B 215 -35.05 16.10 19.49
CA ASP B 215 -35.57 14.83 19.97
C ASP B 215 -36.43 15.00 21.22
N SER B 216 -36.01 15.84 22.17
CA SER B 216 -36.82 16.10 23.36
C SER B 216 -38.18 16.69 22.99
N GLN B 217 -38.26 17.45 21.90
CA GLN B 217 -39.48 18.13 21.49
C GLN B 217 -40.37 17.23 20.63
N ILE B 218 -39.78 16.23 19.96
CA ILE B 218 -40.47 15.53 18.88
C ILE B 218 -40.56 14.02 19.17
N THR B 219 -39.44 13.32 19.23
CA THR B 219 -39.47 11.86 19.25
C THR B 219 -39.80 11.37 20.65
N VAL B 220 -39.32 12.07 21.69
CA VAL B 220 -39.52 11.65 23.06
C VAL B 220 -41.01 11.71 23.42
N PRO B 221 -41.72 12.85 23.23
CA PRO B 221 -43.16 12.91 23.57
C PRO B 221 -43.97 11.90 22.78
N ALA B 222 -43.53 11.63 21.53
CA ALA B 222 -44.23 10.72 20.64
C ALA B 222 -44.14 9.29 21.15
N VAL B 223 -42.94 8.88 21.58
CA VAL B 223 -42.75 7.55 22.14
C VAL B 223 -43.55 7.42 23.42
N GLU B 224 -43.52 8.47 24.26
CA GLU B 224 -44.27 8.44 25.51
C GLU B 224 -45.76 8.21 25.26
N THR B 225 -46.32 8.90 24.27
CA THR B 225 -47.73 8.78 23.90
C THR B 225 -48.02 7.36 23.38
N LEU B 226 -47.15 6.84 22.51
CA LEU B 226 -47.37 5.52 21.91
C LEU B 226 -47.33 4.43 22.98
N ARG B 227 -46.42 4.57 23.95
CA ARG B 227 -46.26 3.62 25.03
C ARG B 227 -47.50 3.63 25.92
N LYS B 228 -48.01 4.83 26.23
CA LYS B 228 -49.21 5.00 27.05
C LYS B 228 -50.43 4.39 26.36
N ARG B 229 -50.42 4.33 25.03
CA ARG B 229 -51.51 3.73 24.27
C ARG B 229 -51.32 2.21 24.19
N GLY B 230 -50.18 1.71 24.70
CA GLY B 230 -50.01 0.28 24.90
C GLY B 230 -49.10 -0.38 23.86
N LEU B 231 -48.32 0.42 23.10
CA LEU B 231 -47.38 -0.14 22.14
C LEU B 231 -46.02 -0.35 22.81
N THR B 232 -45.30 -1.41 22.41
CA THR B 232 -43.95 -1.66 22.88
C THR B 232 -42.97 -0.87 22.01
N VAL B 233 -42.44 0.24 22.53
CA VAL B 233 -41.68 1.19 21.72
C VAL B 233 -40.41 1.59 22.46
N ASP B 234 -39.27 1.42 21.79
CA ASP B 234 -38.00 1.85 22.36
C ASP B 234 -37.55 3.12 21.63
N GLY B 235 -36.77 3.94 22.34
CA GLY B 235 -36.11 5.07 21.72
C GLY B 235 -36.69 6.40 22.21
N PRO B 236 -36.29 7.54 21.62
CA PRO B 236 -35.40 7.56 20.46
C PRO B 236 -34.00 7.04 20.76
N MET B 237 -33.40 6.38 19.77
CA MET B 237 -32.03 5.92 19.88
C MET B 237 -31.30 6.30 18.60
N GLY B 238 -29.98 6.37 18.68
CA GLY B 238 -29.15 6.52 17.50
C GLY B 238 -29.50 5.43 16.50
N ALA B 239 -29.78 5.84 15.26
CA ALA B 239 -30.11 4.92 14.19
C ALA B 239 -29.07 3.80 14.09
N ASP B 240 -27.80 4.16 14.04
CA ASP B 240 -26.69 3.23 13.87
C ASP B 240 -26.70 2.17 14.95
N MET B 241 -26.97 2.57 16.19
CA MET B 241 -26.91 1.70 17.35
C MET B 241 -28.06 0.69 17.31
N VAL B 242 -29.29 1.18 17.12
CA VAL B 242 -30.45 0.31 17.20
C VAL B 242 -30.39 -0.71 16.08
N LEU B 243 -30.13 -0.26 14.85
CA LEU B 243 -30.12 -1.15 13.70
C LEU B 243 -29.17 -2.30 13.96
N ALA B 244 -28.01 -2.00 14.58
CA ALA B 244 -26.98 -3.00 14.80
C ALA B 244 -27.47 -4.12 15.73
N GLN B 245 -28.33 -3.80 16.71
CA GLN B 245 -28.86 -4.77 17.66
C GLN B 245 -29.74 -5.83 16.97
N ARG B 246 -30.60 -5.40 16.04
CA ARG B 246 -31.46 -6.31 15.27
C ARG B 246 -32.40 -7.09 16.18
N LYS B 247 -33.23 -6.38 16.96
CA LYS B 247 -34.20 -7.05 17.83
C LYS B 247 -35.52 -6.31 17.82
N HIS B 248 -35.86 -5.74 16.65
CA HIS B 248 -37.11 -5.01 16.49
C HIS B 248 -37.76 -5.41 15.17
N ASP B 249 -39.10 -5.38 15.15
CA ASP B 249 -39.87 -5.79 14.00
C ASP B 249 -40.13 -4.59 13.09
N LEU B 250 -39.98 -3.39 13.64
CA LEU B 250 -40.27 -2.18 12.89
C LEU B 250 -39.36 -1.07 13.38
N TYR B 251 -38.77 -0.34 12.44
CA TYR B 251 -37.97 0.84 12.74
C TYR B 251 -38.65 2.07 12.15
N VAL B 252 -38.54 3.17 12.86
CA VAL B 252 -39.13 4.41 12.39
C VAL B 252 -38.03 5.40 12.02
N ALA B 253 -37.86 5.67 10.72
CA ALA B 253 -36.80 6.57 10.26
C ALA B 253 -37.35 7.98 10.17
N MET B 254 -36.60 8.96 10.67
CA MET B 254 -37.03 10.35 10.57
C MET B 254 -36.79 10.89 9.16
N LEU B 255 -35.71 10.44 8.52
CA LEU B 255 -35.23 11.00 7.26
C LEU B 255 -35.04 9.91 6.21
N HIS B 256 -35.12 10.32 4.95
CA HIS B 256 -35.01 9.45 3.80
C HIS B 256 -33.77 8.57 3.93
N ASP B 257 -32.60 9.18 4.08
CA ASP B 257 -31.33 8.47 4.00
C ASP B 257 -31.17 7.49 5.17
N GLN B 258 -31.72 7.81 6.34
CA GLN B 258 -31.59 6.93 7.49
C GLN B 258 -32.19 5.56 7.18
N GLY B 259 -33.28 5.57 6.42
CA GLY B 259 -34.02 4.34 6.16
C GLY B 259 -33.55 3.66 4.87
N HIS B 260 -33.14 4.47 3.88
CA HIS B 260 -32.83 3.95 2.56
C HIS B 260 -31.46 3.27 2.54
N ILE B 261 -30.52 3.74 3.36
CA ILE B 261 -29.17 3.19 3.32
C ILE B 261 -29.17 1.71 3.78
N PRO B 262 -29.78 1.37 4.93
CA PRO B 262 -29.77 -0.01 5.41
C PRO B 262 -30.36 -0.99 4.40
N ILE B 263 -31.44 -0.56 3.72
CA ILE B 263 -32.17 -1.48 2.86
C ILE B 263 -31.38 -1.73 1.58
N LYS B 264 -30.79 -0.69 0.97
CA LYS B 264 -30.06 -0.88 -0.28
C LYS B 264 -28.84 -1.77 -0.04
N LEU B 265 -28.28 -1.68 1.18
CA LEU B 265 -27.06 -2.40 1.51
C LEU B 265 -27.32 -3.89 1.72
N LEU B 266 -28.31 -4.21 2.55
CA LEU B 266 -28.55 -5.60 2.95
C LEU B 266 -29.40 -6.32 1.90
N ALA B 267 -30.21 -5.59 1.14
CA ALA B 267 -31.24 -6.20 0.32
C ALA B 267 -31.28 -5.59 -1.07
N PRO B 268 -30.19 -5.59 -1.85
CA PRO B 268 -30.23 -5.01 -3.20
C PRO B 268 -31.27 -5.72 -4.07
N ASN B 269 -31.44 -7.03 -3.82
CA ASN B 269 -32.38 -7.90 -4.50
C ASN B 269 -33.32 -8.52 -3.47
N GLY B 270 -34.62 -8.18 -3.55
CA GLY B 270 -35.64 -8.74 -2.68
C GLY B 270 -36.33 -7.72 -1.77
N ALA B 271 -36.10 -6.41 -2.02
CA ALA B 271 -36.69 -5.36 -1.23
C ALA B 271 -38.10 -5.04 -1.74
N SER B 272 -39.06 -4.86 -0.82
CA SER B 272 -40.38 -4.38 -1.16
C SER B 272 -40.53 -2.95 -0.68
N ALA B 273 -41.27 -2.15 -1.44
CA ALA B 273 -41.63 -0.79 -1.05
C ALA B 273 -43.14 -0.73 -0.89
N LEU B 274 -43.63 -0.54 0.35
CA LEU B 274 -45.07 -0.42 0.58
C LEU B 274 -45.44 1.05 0.76
N SER B 275 -46.40 1.52 -0.03
CA SER B 275 -47.01 2.82 0.24
C SER B 275 -48.23 2.61 1.13
N ILE B 276 -48.35 3.38 2.22
CA ILE B 276 -49.44 3.20 3.17
C ILE B 276 -50.17 4.52 3.42
N GLY B 277 -51.47 4.53 3.14
CA GLY B 277 -52.36 5.63 3.49
C GLY B 277 -53.77 5.12 3.74
N GLY B 278 -54.49 5.70 4.71
CA GLY B 278 -55.76 5.15 5.14
C GLY B 278 -55.63 3.67 5.46
N ARG B 279 -56.53 2.84 4.93
CA ARG B 279 -56.48 1.40 5.16
C ARG B 279 -55.79 0.72 3.98
N VAL B 280 -55.19 1.49 3.08
CA VAL B 280 -54.66 0.96 1.83
C VAL B 280 -53.17 0.68 1.99
N VAL B 281 -52.76 -0.51 1.56
CA VAL B 281 -51.35 -0.87 1.49
C VAL B 281 -51.06 -1.25 0.04
N LEU B 282 -50.07 -0.60 -0.59
CA LEU B 282 -49.81 -0.75 -2.01
C LEU B 282 -48.35 -1.10 -2.22
N SER B 283 -48.06 -2.26 -2.80
CA SER B 283 -46.69 -2.59 -3.18
C SER B 283 -46.58 -2.66 -4.70
N SER B 284 -45.38 -2.39 -5.23
CA SER B 284 -45.03 -2.75 -6.58
C SER B 284 -44.28 -4.07 -6.55
N VAL B 285 -43.85 -4.56 -7.71
CA VAL B 285 -43.08 -5.80 -7.76
C VAL B 285 -41.57 -5.48 -7.83
N GLY B 286 -41.22 -4.23 -8.13
CA GLY B 286 -39.82 -3.83 -8.05
C GLY B 286 -39.03 -4.16 -9.32
N HIS B 287 -39.71 -4.33 -10.46
CA HIS B 287 -39.02 -4.34 -11.73
C HIS B 287 -39.86 -3.60 -12.75
N GLY B 288 -39.27 -3.33 -13.92
CA GLY B 288 -39.93 -2.54 -14.96
C GLY B 288 -40.78 -3.42 -15.88
N SER B 289 -41.34 -2.79 -16.89
CA SER B 289 -42.35 -3.35 -17.78
C SER B 289 -41.70 -4.16 -18.89
N ALA B 290 -40.38 -4.03 -19.10
CA ALA B 290 -39.62 -4.90 -20.01
C ALA B 290 -40.23 -4.96 -21.41
N MET B 291 -40.38 -3.81 -22.05
CA MET B 291 -41.09 -3.69 -23.30
C MET B 291 -40.50 -4.59 -24.38
N ASP B 292 -39.18 -4.82 -24.36
CA ASP B 292 -38.53 -5.52 -25.46
C ASP B 292 -38.85 -7.02 -25.44
N ILE B 293 -39.31 -7.55 -24.28
CA ILE B 293 -39.63 -8.96 -24.19
C ILE B 293 -41.11 -9.18 -23.92
N ALA B 294 -41.92 -8.13 -23.93
CA ALA B 294 -43.35 -8.31 -23.75
C ALA B 294 -43.91 -9.19 -24.86
N GLY B 295 -44.67 -10.21 -24.46
CA GLY B 295 -45.30 -11.14 -25.38
C GLY B 295 -44.33 -12.21 -25.90
N ARG B 296 -43.15 -12.34 -25.28
CA ARG B 296 -42.11 -13.21 -25.81
C ARG B 296 -41.86 -14.41 -24.91
N GLY B 297 -42.47 -14.41 -23.72
CA GLY B 297 -42.42 -15.55 -22.81
C GLY B 297 -41.07 -15.71 -22.10
N VAL B 298 -40.45 -14.58 -21.72
CA VAL B 298 -39.13 -14.64 -21.09
C VAL B 298 -39.21 -14.11 -19.65
N ALA B 299 -40.23 -13.32 -19.31
CA ALA B 299 -40.42 -12.96 -17.91
C ALA B 299 -41.18 -14.08 -17.21
N ASP B 300 -40.75 -14.36 -15.97
CA ASP B 300 -41.44 -15.26 -15.06
C ASP B 300 -42.02 -14.35 -13.98
N ALA B 301 -42.71 -14.97 -13.02
CA ALA B 301 -43.61 -14.27 -12.14
C ALA B 301 -43.06 -14.24 -10.71
N THR B 302 -41.78 -14.58 -10.54
CA THR B 302 -41.21 -14.84 -9.23
C THR B 302 -41.35 -13.62 -8.32
N ALA B 303 -41.07 -12.43 -8.85
CA ALA B 303 -41.09 -11.21 -8.06
C ALA B 303 -42.51 -10.87 -7.65
N LEU B 304 -43.47 -11.12 -8.55
CA LEU B 304 -44.87 -10.89 -8.22
C LEU B 304 -45.31 -11.89 -7.14
N LEU B 305 -44.97 -13.18 -7.28
CA LEU B 305 -45.36 -14.17 -6.29
C LEU B 305 -44.79 -13.82 -4.91
N ARG B 306 -43.57 -13.28 -4.90
CA ARG B 306 -42.93 -12.91 -3.65
C ARG B 306 -43.69 -11.74 -2.99
N THR B 307 -44.18 -10.80 -3.81
CA THR B 307 -44.92 -9.65 -3.30
C THR B 307 -46.27 -10.12 -2.76
N ILE B 308 -46.90 -11.06 -3.46
CA ILE B 308 -48.15 -11.68 -3.01
C ILE B 308 -47.95 -12.41 -1.68
N ALA B 309 -46.87 -13.16 -1.54
CA ALA B 309 -46.56 -13.86 -0.30
C ALA B 309 -46.41 -12.87 0.86
N LEU B 310 -45.85 -11.72 0.59
CA LEU B 310 -45.57 -10.72 1.63
C LEU B 310 -46.88 -10.07 2.10
N LEU B 311 -47.73 -9.66 1.15
CA LEU B 311 -48.97 -8.98 1.49
C LEU B 311 -50.05 -9.99 1.89
N GLY B 312 -49.87 -11.25 1.48
CA GLY B 312 -50.91 -12.25 1.67
C GLY B 312 -50.71 -13.09 2.92
N ALA B 313 -49.85 -12.63 3.85
CA ALA B 313 -49.35 -13.49 4.91
C ALA B 313 -50.39 -13.75 5.98
N GLN B 314 -50.27 -14.95 6.59
CA GLN B 314 -51.24 -15.44 7.56
C GLN B 314 -51.20 -14.58 8.82
N PRO B 315 -52.37 -14.08 9.32
CA PRO B 315 -52.45 -13.28 10.55
C PRO B 315 -52.58 -14.15 11.78
N MET C 2 54.10 20.88 -5.72
CA MET C 2 52.87 20.30 -5.13
C MET C 2 53.18 19.66 -3.76
N THR C 3 52.66 20.26 -2.69
CA THR C 3 52.76 19.67 -1.36
C THR C 3 51.53 18.79 -1.11
N ILE C 4 51.80 17.55 -0.68
CA ILE C 4 50.75 16.57 -0.48
C ILE C 4 50.57 16.22 1.00
N VAL C 5 51.46 16.67 1.89
CA VAL C 5 51.37 16.37 3.31
C VAL C 5 51.15 17.65 4.10
N HIS C 6 50.02 17.75 4.82
CA HIS C 6 49.69 18.97 5.53
C HIS C 6 49.35 18.71 7.00
N ARG C 7 49.71 17.50 7.48
CA ARG C 7 49.49 17.14 8.87
C ARG C 7 50.49 16.06 9.26
N ARG C 8 50.61 15.78 10.55
CA ARG C 8 51.57 14.79 11.00
C ARG C 8 51.02 13.39 10.74
N LEU C 9 51.87 12.50 10.21
CA LEU C 9 51.52 11.12 9.90
C LEU C 9 52.59 10.19 10.45
N ALA C 10 52.16 9.00 10.86
CA ALA C 10 53.05 7.89 11.16
C ALA C 10 53.13 6.97 9.95
N LEU C 11 54.34 6.50 9.61
CA LEU C 11 54.51 5.49 8.59
C LEU C 11 55.17 4.25 9.19
N ALA C 12 54.43 3.14 9.31
CA ALA C 12 55.00 1.87 9.73
C ALA C 12 55.51 1.11 8.51
N ILE C 13 56.76 0.62 8.53
CA ILE C 13 57.44 0.24 7.29
C ILE C 13 57.17 -1.22 6.92
N GLY C 14 56.34 -1.91 7.71
CA GLY C 14 55.82 -3.22 7.34
C GLY C 14 56.85 -4.32 7.56
N ASP C 15 56.72 -5.41 6.80
CA ASP C 15 57.68 -6.50 6.85
C ASP C 15 59.02 -5.96 6.39
N PRO C 16 60.05 -6.02 7.26
CA PRO C 16 61.38 -5.52 6.95
C PRO C 16 62.18 -6.33 5.95
N HIS C 17 61.66 -7.50 5.58
CA HIS C 17 62.25 -8.34 4.55
C HIS C 17 61.57 -8.10 3.20
N GLY C 18 60.43 -7.40 3.23
CA GLY C 18 59.67 -7.09 2.03
C GLY C 18 60.15 -5.79 1.40
N ILE C 19 59.29 -5.18 0.58
CA ILE C 19 59.61 -3.96 -0.15
C ILE C 19 59.18 -2.71 0.63
N GLY C 20 58.53 -2.91 1.77
CA GLY C 20 58.03 -1.82 2.62
C GLY C 20 59.12 -0.78 2.92
N PRO C 21 60.27 -1.18 3.47
CA PRO C 21 61.38 -0.24 3.69
C PRO C 21 61.76 0.57 2.44
N GLU C 22 61.89 -0.12 1.31
CA GLU C 22 62.35 0.47 0.07
C GLU C 22 61.37 1.53 -0.43
N ILE C 23 60.07 1.22 -0.36
CA ILE C 23 59.06 2.14 -0.85
C ILE C 23 58.85 3.29 0.14
N ALA C 24 59.17 3.07 1.42
CA ALA C 24 59.06 4.15 2.37
C ALA C 24 60.07 5.25 2.00
N LEU C 25 61.32 4.82 1.72
CA LEU C 25 62.39 5.73 1.36
C LEU C 25 62.07 6.42 0.04
N LYS C 26 61.65 5.64 -0.96
CA LYS C 26 61.40 6.20 -2.28
C LYS C 26 60.30 7.26 -2.23
N ALA C 27 59.32 7.03 -1.35
CA ALA C 27 58.25 7.98 -1.14
C ALA C 27 58.78 9.25 -0.48
N LEU C 28 59.52 9.08 0.64
CA LEU C 28 60.03 10.21 1.40
C LEU C 28 61.00 11.02 0.54
N GLN C 29 61.73 10.36 -0.36
CA GLN C 29 62.64 11.03 -1.26
C GLN C 29 61.88 12.05 -2.10
N GLN C 30 60.69 11.67 -2.59
CA GLN C 30 59.91 12.54 -3.47
C GLN C 30 59.35 13.77 -2.75
N LEU C 31 59.30 13.75 -1.42
CA LEU C 31 58.71 14.84 -0.66
C LEU C 31 59.76 15.92 -0.39
N SER C 32 59.27 17.12 -0.09
CA SER C 32 60.14 18.21 0.33
C SER C 32 60.63 17.97 1.75
N ALA C 33 61.59 18.80 2.19
CA ALA C 33 62.16 18.69 3.52
C ALA C 33 61.09 18.94 4.60
N THR C 34 60.19 19.90 4.37
CA THR C 34 59.14 20.25 5.30
C THR C 34 58.15 19.09 5.43
N GLU C 35 57.82 18.47 4.29
CA GLU C 35 56.92 17.33 4.27
C GLU C 35 57.55 16.15 5.04
N ARG C 36 58.84 15.93 4.82
CA ARG C 36 59.56 14.84 5.44
C ARG C 36 59.47 14.95 6.95
N SER C 37 59.46 16.17 7.47
CA SER C 37 59.49 16.40 8.90
C SER C 37 58.11 16.20 9.53
N LEU C 38 57.08 15.95 8.70
CA LEU C 38 55.74 15.67 9.22
C LEU C 38 55.48 14.16 9.26
N ILE C 39 56.41 13.37 8.73
CA ILE C 39 56.22 11.93 8.62
C ILE C 39 57.20 11.28 9.58
N LYS C 40 56.66 10.57 10.58
CA LYS C 40 57.49 9.84 11.53
C LYS C 40 57.47 8.38 11.15
N VAL C 41 58.65 7.80 10.89
CA VAL C 41 58.77 6.44 10.37
C VAL C 41 58.92 5.47 11.54
N TYR C 42 58.16 4.38 11.56
CA TYR C 42 58.26 3.42 12.67
C TYR C 42 58.74 2.10 12.10
N GLY C 43 59.82 1.57 12.66
CA GLY C 43 60.37 0.34 12.12
C GLY C 43 61.82 0.14 12.53
N PRO C 44 62.42 -1.02 12.23
CA PRO C 44 63.83 -1.25 12.53
C PRO C 44 64.74 -0.41 11.63
N TRP C 45 65.67 0.28 12.27
CA TRP C 45 66.63 1.10 11.55
C TRP C 45 67.41 0.25 10.55
N SER C 46 67.74 -0.96 10.96
CA SER C 46 68.62 -1.85 10.21
C SER C 46 68.06 -2.11 8.82
N ALA C 47 66.73 -2.17 8.70
CA ALA C 47 66.09 -2.43 7.43
C ALA C 47 66.09 -1.18 6.55
N LEU C 48 65.92 0.00 7.16
CA LEU C 48 65.99 1.23 6.40
C LEU C 48 67.41 1.43 5.88
N GLU C 49 68.40 1.11 6.72
CA GLU C 49 69.81 1.19 6.34
C GLU C 49 70.06 0.31 5.12
N GLN C 50 69.61 -0.95 5.21
CA GLN C 50 69.77 -1.92 4.13
C GLN C 50 69.17 -1.38 2.83
N ALA C 51 67.92 -0.93 2.88
CA ALA C 51 67.25 -0.46 1.68
C ALA C 51 67.95 0.80 1.12
N ALA C 52 68.45 1.67 2.02
CA ALA C 52 69.07 2.90 1.55
C ALA C 52 70.35 2.57 0.79
N GLN C 53 71.06 1.53 1.22
CA GLN C 53 72.31 1.12 0.59
C GLN C 53 72.04 0.59 -0.82
N ILE C 54 71.06 -0.30 -0.91
CA ILE C 54 70.71 -0.93 -2.18
C ILE C 54 70.26 0.13 -3.16
N CYS C 55 69.42 1.08 -2.71
CA CYS C 55 68.87 2.12 -3.58
C CYS C 55 69.76 3.35 -3.68
N GLN C 56 70.88 3.38 -2.94
CA GLN C 56 71.82 4.51 -2.94
C GLN C 56 71.13 5.79 -2.50
N MET C 57 70.46 5.73 -1.35
CA MET C 57 69.78 6.86 -0.74
C MET C 57 70.25 7.03 0.70
N GLU C 58 71.54 6.83 0.97
CA GLU C 58 72.05 6.94 2.34
C GLU C 58 71.88 8.35 2.90
N SER C 59 72.03 9.38 2.06
CA SER C 59 71.98 10.75 2.56
C SER C 59 70.57 11.14 3.00
N LEU C 60 69.56 10.37 2.58
CA LEU C 60 68.20 10.63 2.99
C LEU C 60 67.98 10.29 4.47
N LEU C 61 68.73 9.30 4.99
CA LEU C 61 68.53 8.76 6.33
C LEU C 61 68.71 9.80 7.42
N GLN C 62 69.59 10.78 7.19
CA GLN C 62 69.90 11.79 8.19
C GLN C 62 68.70 12.71 8.42
N ASP C 63 67.80 12.80 7.42
CA ASP C 63 66.66 13.70 7.46
C ASP C 63 65.38 13.03 7.98
N LEU C 64 65.40 11.71 8.10
CA LEU C 64 64.21 10.97 8.51
C LEU C 64 63.91 11.25 9.96
N ILE C 65 62.63 11.46 10.29
CA ILE C 65 62.23 11.37 11.68
C ILE C 65 61.82 9.92 11.93
N HIS C 66 62.45 9.28 12.91
CA HIS C 66 62.36 7.84 13.06
C HIS C 66 62.16 7.46 14.52
N GLU C 67 61.40 6.40 14.76
CA GLU C 67 61.38 5.78 16.08
C GLU C 67 61.63 4.29 15.92
N GLU C 68 62.58 3.76 16.67
CA GLU C 68 62.88 2.35 16.64
C GLU C 68 61.66 1.57 17.17
N ALA C 69 61.21 0.64 16.33
CA ALA C 69 60.18 -0.34 16.68
C ALA C 69 60.42 -1.59 15.86
N GLY C 70 60.03 -2.76 16.42
CA GLY C 70 60.18 -4.02 15.72
C GLY C 70 61.65 -4.32 15.41
N SER C 71 62.51 -4.07 16.40
CA SER C 71 63.93 -4.33 16.26
C SER C 71 64.13 -5.79 15.91
N LEU C 72 65.19 -6.05 15.14
CA LEU C 72 65.56 -7.40 14.74
C LEU C 72 66.81 -7.80 15.50
N ALA C 73 66.93 -9.10 15.79
CA ALA C 73 68.07 -9.62 16.51
C ALA C 73 69.12 -10.17 15.54
N GLN C 74 68.79 -10.23 14.25
CA GLN C 74 69.72 -10.71 13.24
C GLN C 74 69.63 -9.85 12.00
N PRO C 75 70.63 -9.89 11.09
CA PRO C 75 70.61 -9.05 9.91
C PRO C 75 69.38 -9.28 9.03
N VAL C 76 69.00 -8.23 8.31
CA VAL C 76 67.90 -8.27 7.36
C VAL C 76 68.24 -9.27 6.25
N GLN C 77 67.27 -10.14 5.93
CA GLN C 77 67.39 -11.09 4.83
C GLN C 77 66.27 -10.83 3.83
N CYS C 78 66.54 -9.94 2.86
CA CYS C 78 65.53 -9.56 1.90
C CYS C 78 64.99 -10.81 1.22
N GLY C 79 63.66 -10.87 1.07
CA GLY C 79 63.02 -11.94 0.32
C GLY C 79 62.62 -13.14 1.19
N GLU C 80 63.10 -13.20 2.43
CA GLU C 80 62.88 -14.37 3.26
C GLU C 80 61.71 -14.13 4.23
N ILE C 81 60.79 -15.09 4.21
CA ILE C 81 59.68 -15.15 5.16
C ILE C 81 60.24 -15.71 6.46
N THR C 82 60.20 -14.93 7.55
CA THR C 82 60.71 -15.37 8.84
C THR C 82 59.79 -14.87 9.96
N PRO C 83 59.60 -15.67 11.03
CA PRO C 83 58.77 -15.24 12.15
C PRO C 83 59.24 -13.90 12.75
N GLN C 84 60.55 -13.70 12.84
CA GLN C 84 61.12 -12.48 13.38
C GLN C 84 60.59 -11.27 12.61
N ALA C 85 60.57 -11.40 11.28
CA ALA C 85 60.10 -10.36 10.40
C ALA C 85 58.62 -10.09 10.65
N GLY C 86 57.88 -11.15 10.97
CA GLY C 86 56.47 -11.03 11.23
C GLY C 86 56.20 -10.24 12.50
N LEU C 87 56.92 -10.59 13.56
CA LEU C 87 56.82 -9.86 14.81
C LEU C 87 57.15 -8.39 14.59
N SER C 88 58.22 -8.14 13.83
CA SER C 88 58.65 -6.78 13.53
C SER C 88 57.49 -5.96 12.97
N THR C 89 56.81 -6.53 11.96
CA THR C 89 55.69 -5.88 11.29
C THR C 89 54.64 -5.42 12.28
N VAL C 90 54.25 -6.32 13.21
CA VAL C 90 53.16 -6.02 14.11
C VAL C 90 53.59 -4.98 15.13
N GLN C 91 54.86 -5.05 15.58
CA GLN C 91 55.39 -4.10 16.54
C GLN C 91 55.48 -2.70 15.93
N SER C 92 55.95 -2.59 14.68
CA SER C 92 56.07 -1.29 14.03
C SER C 92 54.68 -0.67 13.92
N ALA C 93 53.71 -1.49 13.48
CA ALA C 93 52.37 -1.01 13.29
C ALA C 93 51.75 -0.62 14.63
N THR C 94 51.96 -1.45 15.65
CA THR C 94 51.43 -1.15 16.98
C THR C 94 51.97 0.17 17.47
N ALA C 95 53.24 0.47 17.24
CA ALA C 95 53.86 1.68 17.77
C ALA C 95 53.31 2.91 17.04
N ALA C 96 53.04 2.77 15.74
CA ALA C 96 52.43 3.86 14.98
C ALA C 96 51.03 4.14 15.50
N ILE C 97 50.25 3.07 15.70
CA ILE C 97 48.89 3.22 16.18
C ILE C 97 48.91 3.95 17.52
N ARG C 98 49.78 3.53 18.44
CA ARG C 98 49.83 4.14 19.77
C ARG C 98 50.20 5.62 19.67
N ALA C 99 51.00 6.00 18.67
CA ALA C 99 51.39 7.38 18.50
C ALA C 99 50.20 8.24 18.04
N CYS C 100 49.34 7.65 17.21
CA CYS C 100 48.11 8.29 16.79
C CYS C 100 47.14 8.38 17.96
N GLU C 101 47.01 7.30 18.75
CA GLU C 101 46.11 7.27 19.89
C GLU C 101 46.45 8.39 20.88
N SER C 102 47.74 8.66 21.06
CA SER C 102 48.21 9.63 22.06
C SER C 102 48.24 11.05 21.50
N GLY C 103 47.94 11.22 20.21
CA GLY C 103 47.83 12.54 19.60
C GLY C 103 49.15 13.05 19.02
N GLU C 104 50.18 12.19 18.95
CA GLU C 104 51.46 12.59 18.38
C GLU C 104 51.35 12.74 16.87
N VAL C 105 50.52 11.90 16.24
CA VAL C 105 50.23 11.99 14.82
C VAL C 105 48.71 11.98 14.64
N ASP C 106 48.27 12.37 13.43
CA ASP C 106 46.86 12.46 13.09
C ASP C 106 46.37 11.22 12.34
N ALA C 107 47.28 10.47 11.71
CA ALA C 107 46.88 9.25 11.03
C ALA C 107 48.09 8.37 10.77
N VAL C 108 47.82 7.11 10.40
CA VAL C 108 48.83 6.08 10.28
C VAL C 108 48.73 5.42 8.92
N ILE C 109 49.89 5.13 8.32
CA ILE C 109 49.96 4.36 7.11
C ILE C 109 50.82 3.14 7.42
N ALA C 110 50.33 1.95 7.06
CA ALA C 110 51.10 0.73 7.21
C ALA C 110 51.57 0.26 5.85
N CYS C 111 52.88 0.11 5.67
CA CYS C 111 53.43 -0.51 4.46
C CYS C 111 53.12 -2.01 4.47
N PRO C 112 53.37 -2.73 3.36
CA PRO C 112 52.92 -4.11 3.23
C PRO C 112 53.44 -5.14 4.24
N HIS C 113 52.52 -5.93 4.79
CA HIS C 113 52.85 -7.02 5.68
C HIS C 113 52.92 -8.31 4.89
N HIS C 114 53.41 -9.37 5.55
CA HIS C 114 53.33 -10.72 5.00
C HIS C 114 52.56 -11.62 5.97
N GLU C 115 51.41 -12.15 5.54
CA GLU C 115 50.50 -12.82 6.45
C GLU C 115 51.15 -14.08 7.02
N THR C 116 51.94 -14.78 6.20
CA THR C 116 52.58 -16.02 6.61
C THR C 116 53.61 -15.74 7.70
N ALA C 117 54.34 -14.63 7.56
CA ALA C 117 55.37 -14.28 8.53
C ALA C 117 54.72 -14.05 9.89
N ILE C 118 53.62 -13.31 9.90
CA ILE C 118 52.95 -12.99 11.14
C ILE C 118 52.42 -14.27 11.79
N HIS C 119 51.82 -15.15 11.00
CA HIS C 119 51.25 -16.40 11.50
C HIS C 119 52.34 -17.26 12.11
N ARG C 120 53.50 -17.34 11.46
CA ARG C 120 54.61 -18.14 11.93
C ARG C 120 55.19 -17.62 13.25
N ALA C 121 55.00 -16.32 13.54
CA ALA C 121 55.40 -15.75 14.82
C ALA C 121 54.41 -16.13 15.92
N GLY C 122 53.33 -16.83 15.56
CA GLY C 122 52.32 -17.21 16.52
C GLY C 122 51.34 -16.08 16.83
N ILE C 123 51.27 -15.09 15.92
CA ILE C 123 50.40 -13.95 16.13
C ILE C 123 49.16 -14.10 15.27
N ALA C 124 47.99 -13.98 15.92
CA ALA C 124 46.71 -13.97 15.26
C ALA C 124 46.54 -12.63 14.53
N PHE C 125 46.19 -12.70 13.24
CA PHE C 125 46.02 -11.51 12.44
C PHE C 125 44.99 -11.82 11.37
N SER C 126 43.94 -10.99 11.30
CA SER C 126 42.89 -11.15 10.31
C SER C 126 42.63 -9.84 9.59
N GLY C 127 43.62 -8.96 9.55
CA GLY C 127 43.46 -7.64 8.94
C GLY C 127 43.67 -6.50 9.93
N TYR C 128 43.82 -5.29 9.38
CA TYR C 128 44.14 -4.11 10.15
C TYR C 128 42.99 -3.74 11.08
N PRO C 129 41.71 -3.90 10.69
CA PRO C 129 40.61 -3.64 11.64
C PRO C 129 40.72 -4.44 12.93
N SER C 130 41.16 -5.70 12.85
CA SER C 130 41.27 -6.51 14.07
C SER C 130 42.47 -6.04 14.88
N LEU C 131 43.59 -5.74 14.21
CA LEU C 131 44.79 -5.28 14.88
C LEU C 131 44.51 -3.97 15.61
N LEU C 132 43.87 -3.04 14.91
CA LEU C 132 43.59 -1.72 15.45
C LEU C 132 42.71 -1.83 16.70
N ALA C 133 41.71 -2.72 16.65
CA ALA C 133 40.85 -2.94 17.80
C ALA C 133 41.67 -3.48 18.95
N ASN C 134 42.53 -4.46 18.65
CA ASN C 134 43.30 -5.18 19.64
C ASN C 134 44.23 -4.19 20.37
N VAL C 135 44.92 -3.34 19.61
CA VAL C 135 45.85 -2.39 20.19
C VAL C 135 45.12 -1.34 21.01
N LEU C 136 43.99 -0.82 20.51
CA LEU C 136 43.25 0.23 21.20
C LEU C 136 42.39 -0.35 22.33
N GLY C 137 42.29 -1.69 22.41
CA GLY C 137 41.56 -2.36 23.47
C GLY C 137 40.04 -2.20 23.33
N MET C 138 39.54 -2.20 22.09
CA MET C 138 38.11 -2.18 21.83
C MET C 138 37.71 -3.47 21.11
N ASN C 139 36.39 -3.66 20.92
CA ASN C 139 35.86 -4.82 20.22
C ASN C 139 35.93 -4.57 18.72
N GLU C 140 36.01 -5.66 17.94
CA GLU C 140 36.10 -5.57 16.49
C GLU C 140 34.85 -4.90 15.91
N ASP C 141 33.76 -4.89 16.68
CA ASP C 141 32.47 -4.35 16.30
C ASP C 141 32.51 -2.82 16.25
N GLU C 142 33.46 -2.21 16.96
CA GLU C 142 33.54 -0.76 17.14
C GLU C 142 34.65 -0.16 16.27
N VAL C 143 35.31 -0.99 15.43
CA VAL C 143 36.23 -0.49 14.41
C VAL C 143 35.67 -0.82 13.04
N PHE C 144 35.64 0.18 12.17
CA PHE C 144 34.92 0.09 10.91
C PHE C 144 35.92 0.24 9.77
N LEU C 145 35.60 -0.39 8.64
CA LEU C 145 36.39 -0.27 7.43
C LEU C 145 35.70 0.71 6.49
N MET C 146 36.45 1.73 6.05
CA MET C 146 35.98 2.65 5.03
C MET C 146 36.81 2.46 3.76
N LEU C 147 36.15 2.13 2.65
CA LEU C 147 36.85 2.03 1.37
C LEU C 147 36.74 3.38 0.70
N VAL C 148 37.84 3.81 0.07
CA VAL C 148 37.88 5.09 -0.61
C VAL C 148 38.48 4.87 -1.98
N GLY C 149 37.76 5.28 -3.02
CA GLY C 149 38.16 5.00 -4.39
C GLY C 149 37.23 5.67 -5.38
N ALA C 150 37.84 6.41 -6.32
CA ALA C 150 37.15 6.99 -7.47
C ALA C 150 36.03 7.91 -7.02
N GLY C 151 36.31 8.74 -6.01
CA GLY C 151 35.36 9.74 -5.54
C GLY C 151 34.47 9.21 -4.41
N LEU C 152 34.30 7.88 -4.37
CA LEU C 152 33.36 7.23 -3.46
C LEU C 152 34.06 7.03 -2.12
N ARG C 153 33.31 7.26 -1.05
CA ARG C 153 33.71 6.88 0.29
C ARG C 153 32.58 6.05 0.89
N ILE C 154 32.89 4.84 1.36
CA ILE C 154 31.87 3.90 1.81
C ILE C 154 32.32 3.22 3.09
N VAL C 155 31.61 3.49 4.18
CA VAL C 155 31.92 2.84 5.45
C VAL C 155 31.04 1.60 5.59
N HIS C 156 31.59 0.52 6.13
CA HIS C 156 30.87 -0.73 6.25
C HIS C 156 30.44 -0.93 7.71
N VAL C 157 29.15 -1.10 7.93
CA VAL C 157 28.66 -1.29 9.29
C VAL C 157 29.06 -2.68 9.76
N THR C 158 29.01 -3.67 8.85
CA THR C 158 29.50 -5.01 9.12
C THR C 158 30.48 -5.38 8.02
N LEU C 159 31.18 -6.51 8.18
CA LEU C 159 32.27 -6.91 7.34
C LEU C 159 32.66 -8.33 7.72
N HIS C 160 32.97 -9.15 6.74
CA HIS C 160 33.59 -10.46 6.97
C HIS C 160 32.85 -11.30 8.00
N GLU C 161 31.60 -11.59 7.65
CA GLU C 161 30.78 -12.57 8.32
C GLU C 161 29.66 -12.89 7.35
N SER C 162 28.98 -14.01 7.60
CA SER C 162 27.86 -14.42 6.78
C SER C 162 26.83 -13.30 6.78
N VAL C 163 26.03 -13.25 5.73
CA VAL C 163 24.99 -12.25 5.62
C VAL C 163 24.03 -12.41 6.80
N ARG C 164 23.66 -13.66 7.11
CA ARG C 164 22.75 -13.94 8.20
C ARG C 164 23.31 -13.43 9.52
N SER C 165 24.58 -13.68 9.75
CA SER C 165 25.26 -13.24 10.96
C SER C 165 25.29 -11.71 11.03
N ALA C 166 25.52 -11.05 9.88
CA ALA C 166 25.54 -9.58 9.83
C ALA C 166 24.18 -9.02 10.21
N LEU C 167 23.10 -9.65 9.70
CA LEU C 167 21.75 -9.17 9.95
C LEU C 167 21.42 -9.28 11.43
N GLU C 168 21.90 -10.33 12.09
CA GLU C 168 21.59 -10.55 13.50
C GLU C 168 22.30 -9.51 14.36
N ARG C 169 23.42 -8.96 13.90
CA ARG C 169 24.21 -8.02 14.68
C ARG C 169 23.79 -6.57 14.41
N LEU C 170 23.21 -6.28 13.25
CA LEU C 170 22.84 -4.91 12.95
C LEU C 170 21.90 -4.41 14.02
N SER C 171 22.16 -3.20 14.51
CA SER C 171 21.25 -2.47 15.40
C SER C 171 21.34 -0.98 15.07
N PRO C 172 20.41 -0.12 15.55
CA PRO C 172 20.51 1.33 15.31
C PRO C 172 21.84 1.87 15.82
N GLN C 173 22.27 1.43 17.01
CA GLN C 173 23.47 1.96 17.63
C GLN C 173 24.70 1.62 16.80
N LEU C 174 24.77 0.39 16.28
CA LEU C 174 25.90 -0.01 15.47
C LEU C 174 26.04 0.89 14.24
N VAL C 175 24.90 1.22 13.61
CA VAL C 175 24.88 2.07 12.43
C VAL C 175 25.32 3.48 12.80
N ILE C 176 24.90 3.97 13.97
CA ILE C 176 25.24 5.33 14.42
C ILE C 176 26.74 5.42 14.68
N ASN C 177 27.31 4.38 15.29
CA ASN C 177 28.72 4.37 15.64
C ASN C 177 29.57 4.38 14.38
N ALA C 178 29.09 3.64 13.37
CA ALA C 178 29.77 3.56 12.08
C ALA C 178 29.83 4.95 11.45
N VAL C 179 28.72 5.67 11.50
CA VAL C 179 28.61 6.95 10.83
C VAL C 179 29.42 8.00 11.58
N ASP C 180 29.39 7.98 12.91
CA ASP C 180 30.18 8.91 13.71
C ASP C 180 31.65 8.76 13.35
N ALA C 181 32.14 7.52 13.42
CA ALA C 181 33.51 7.20 13.05
C ALA C 181 33.83 7.68 11.63
N ALA C 182 32.89 7.46 10.69
CA ALA C 182 33.13 7.78 9.29
C ALA C 182 33.10 9.30 9.07
N VAL C 183 32.29 10.02 9.82
CA VAL C 183 32.17 11.46 9.69
C VAL C 183 33.43 12.14 10.21
N GLN C 184 33.98 11.66 11.33
CA GLN C 184 35.20 12.20 11.88
C GLN C 184 36.36 11.97 10.90
N THR C 185 36.37 10.81 10.25
CA THR C 185 37.38 10.50 9.25
C THR C 185 37.23 11.43 8.06
N CYS C 186 36.00 11.78 7.70
CA CYS C 186 35.76 12.66 6.57
C CYS C 186 36.43 14.02 6.80
N THR C 187 36.33 14.53 8.03
CA THR C 187 36.98 15.78 8.41
C THR C 187 38.47 15.67 8.09
N LEU C 188 39.08 14.53 8.41
CA LEU C 188 40.50 14.32 8.17
C LEU C 188 40.80 14.27 6.67
N LEU C 189 39.85 13.78 5.86
CA LEU C 189 40.05 13.63 4.42
C LEU C 189 39.78 14.94 3.68
N GLY C 190 39.33 15.98 4.39
CA GLY C 190 39.14 17.31 3.83
C GLY C 190 37.69 17.63 3.46
N VAL C 191 36.74 16.98 4.12
CA VAL C 191 35.32 17.20 3.90
C VAL C 191 34.67 17.44 5.27
N PRO C 192 34.58 18.71 5.75
CA PRO C 192 34.00 18.99 7.06
C PRO C 192 32.50 18.73 7.25
N LYS C 193 31.64 19.09 6.28
CA LYS C 193 30.20 19.00 6.40
C LYS C 193 29.70 17.93 5.42
N PRO C 194 29.99 16.64 5.67
CA PRO C 194 29.64 15.59 4.71
C PRO C 194 28.14 15.33 4.57
N GLN C 195 27.72 15.10 3.32
CA GLN C 195 26.37 14.66 3.00
C GLN C 195 26.36 13.13 2.97
N VAL C 196 25.58 12.53 3.87
CA VAL C 196 25.68 11.09 4.13
C VAL C 196 24.48 10.37 3.53
N ALA C 197 24.72 9.21 2.90
CA ALA C 197 23.64 8.39 2.41
C ALA C 197 23.72 6.99 3.03
N VAL C 198 22.61 6.57 3.65
CA VAL C 198 22.56 5.29 4.34
C VAL C 198 21.88 4.26 3.44
N PHE C 199 22.58 3.18 3.09
CA PHE C 199 21.99 2.12 2.29
C PHE C 199 20.91 1.41 3.09
N GLY C 200 19.93 0.88 2.37
CA GLY C 200 18.93 0.01 2.97
C GLY C 200 19.50 -1.41 3.11
N ILE C 201 19.01 -2.15 4.09
CA ILE C 201 19.39 -3.53 4.29
C ILE C 201 18.76 -4.37 3.19
N ASN C 202 17.45 -4.15 3.00
CA ASN C 202 16.66 -4.89 2.03
C ASN C 202 16.50 -4.07 0.75
N PRO C 203 16.17 -4.71 -0.40
CA PRO C 203 16.06 -3.98 -1.66
C PRO C 203 15.11 -2.79 -1.55
N HIS C 204 15.46 -1.68 -2.21
CA HIS C 204 14.64 -0.46 -2.25
C HIS C 204 14.40 0.07 -0.83
N ALA C 205 15.34 -0.22 0.08
CA ALA C 205 15.17 0.12 1.49
C ALA C 205 13.82 -0.34 2.04
N SER C 206 13.36 -1.54 1.61
CA SER C 206 12.18 -2.21 2.15
C SER C 206 10.85 -1.60 1.68
N GLU C 207 10.86 -0.44 0.98
CA GLU C 207 9.66 0.40 0.85
C GLU C 207 8.36 -0.42 0.83
N PHE C 211 9.07 -5.10 1.87
CA PHE C 211 10.10 -6.17 1.69
C PHE C 211 10.86 -6.36 3.00
N GLY C 212 10.16 -6.47 4.13
CA GLY C 212 10.77 -6.77 5.41
C GLY C 212 10.83 -5.57 6.34
N LEU C 213 10.97 -5.86 7.63
CA LEU C 213 10.84 -4.87 8.70
C LEU C 213 12.21 -4.33 9.13
N GLU C 214 13.29 -4.94 8.66
CA GLU C 214 14.63 -4.65 9.15
C GLU C 214 14.93 -3.14 9.08
N ASP C 215 14.64 -2.50 7.94
CA ASP C 215 14.96 -1.09 7.81
C ASP C 215 14.18 -0.22 8.80
N SER C 216 12.89 -0.48 9.00
CA SER C 216 12.11 0.26 9.98
C SER C 216 12.67 0.11 11.39
N GLN C 217 13.30 -1.04 11.70
CA GLN C 217 13.83 -1.28 13.02
C GLN C 217 15.24 -0.72 13.20
N ILE C 218 16.00 -0.57 12.09
CA ILE C 218 17.44 -0.37 12.17
C ILE C 218 17.85 0.96 11.52
N THR C 219 17.66 1.09 10.21
CA THR C 219 18.27 2.20 9.49
C THR C 219 17.45 3.47 9.70
N VAL C 220 16.12 3.33 9.78
CA VAL C 220 15.23 4.48 9.90
C VAL C 220 15.48 5.18 11.24
N PRO C 221 15.42 4.48 12.41
CA PRO C 221 15.66 5.14 13.71
C PRO C 221 17.06 5.77 13.77
N ALA C 222 18.02 5.13 13.11
CA ALA C 222 19.41 5.58 13.14
C ALA C 222 19.56 6.90 12.40
N VAL C 223 18.93 7.01 11.23
CA VAL C 223 18.97 8.24 10.47
C VAL C 223 18.26 9.34 11.25
N GLU C 224 17.12 9.02 11.87
CA GLU C 224 16.37 9.99 12.66
C GLU C 224 17.25 10.57 13.78
N THR C 225 17.99 9.70 14.47
CA THR C 225 18.87 10.12 15.56
C THR C 225 20.01 10.99 15.03
N LEU C 226 20.62 10.59 13.91
CA LEU C 226 21.75 11.32 13.36
C LEU C 226 21.32 12.70 12.91
N ARG C 227 20.12 12.81 12.34
CA ARG C 227 19.60 14.09 11.87
C ARG C 227 19.31 15.02 13.05
N LYS C 228 18.77 14.47 14.14
CA LYS C 228 18.51 15.22 15.36
C LYS C 228 19.82 15.75 15.97
N ARG C 229 20.93 15.04 15.74
CA ARG C 229 22.24 15.47 16.23
C ARG C 229 22.84 16.52 15.28
N GLY C 230 22.19 16.75 14.13
CA GLY C 230 22.53 17.85 13.25
C GLY C 230 23.32 17.41 12.02
N LEU C 231 23.27 16.12 11.68
CA LEU C 231 23.96 15.62 10.50
C LEU C 231 22.99 15.66 9.31
N THR C 232 23.51 15.96 8.12
CA THR C 232 22.74 15.90 6.88
C THR C 232 22.78 14.46 6.37
N VAL C 233 21.67 13.74 6.53
CA VAL C 233 21.63 12.30 6.29
C VAL C 233 20.39 11.97 5.47
N ASP C 234 20.59 11.26 4.35
CA ASP C 234 19.48 10.75 3.58
C ASP C 234 19.39 9.25 3.81
N GLY C 235 18.17 8.71 3.62
CA GLY C 235 17.98 7.28 3.57
C GLY C 235 17.19 6.78 4.76
N PRO C 236 16.97 5.45 4.88
CA PRO C 236 17.61 4.49 3.99
C PRO C 236 17.14 4.57 2.55
N MET C 237 18.04 4.29 1.61
CA MET C 237 17.71 4.26 0.20
C MET C 237 18.31 3.00 -0.42
N GLY C 238 17.72 2.58 -1.55
CA GLY C 238 18.32 1.53 -2.37
C GLY C 238 19.74 1.91 -2.74
N ALA C 239 20.68 1.01 -2.44
CA ALA C 239 22.08 1.23 -2.72
C ALA C 239 22.30 1.67 -4.17
N ASP C 240 21.75 0.90 -5.11
CA ASP C 240 21.93 1.10 -6.54
C ASP C 240 21.51 2.51 -6.95
N MET C 241 20.39 2.98 -6.38
CA MET C 241 19.78 4.24 -6.75
C MET C 241 20.64 5.40 -6.27
N VAL C 242 21.02 5.38 -4.98
CA VAL C 242 21.75 6.51 -4.40
C VAL C 242 23.10 6.64 -5.09
N LEU C 243 23.83 5.53 -5.22
CA LEU C 243 25.17 5.56 -5.79
C LEU C 243 25.12 6.24 -7.16
N ALA C 244 24.08 5.92 -7.93
CA ALA C 244 23.95 6.41 -9.30
C ALA C 244 23.81 7.93 -9.34
N GLN C 245 23.15 8.53 -8.34
CA GLN C 245 22.92 9.96 -8.25
C GLN C 245 24.24 10.72 -8.10
N ARG C 246 25.15 10.21 -7.25
CA ARG C 246 26.46 10.81 -7.02
C ARG C 246 26.29 12.18 -6.41
N LYS C 247 25.60 12.23 -5.26
CA LYS C 247 25.20 13.45 -4.58
C LYS C 247 25.68 13.46 -3.13
N HIS C 248 26.55 12.51 -2.74
CA HIS C 248 26.87 12.28 -1.34
C HIS C 248 28.36 12.06 -1.19
N ASP C 249 28.90 12.50 -0.05
CA ASP C 249 30.33 12.47 0.20
C ASP C 249 30.67 11.19 0.93
N LEU C 250 29.66 10.54 1.52
CA LEU C 250 29.87 9.33 2.29
C LEU C 250 28.64 8.45 2.17
N TYR C 251 28.87 7.16 1.93
CA TYR C 251 27.81 6.16 1.88
C TYR C 251 28.02 5.17 3.02
N VAL C 252 26.92 4.67 3.56
CA VAL C 252 27.00 3.75 4.66
C VAL C 252 26.47 2.40 4.20
N ALA C 253 27.36 1.41 4.05
CA ALA C 253 26.93 0.10 3.58
C ALA C 253 26.61 -0.78 4.80
N MET C 254 25.50 -1.50 4.71
CA MET C 254 25.12 -2.43 5.77
C MET C 254 25.95 -3.69 5.68
N LEU C 255 26.29 -4.11 4.45
CA LEU C 255 26.90 -5.41 4.20
C LEU C 255 28.16 -5.25 3.37
N HIS C 256 29.04 -6.25 3.52
CA HIS C 256 30.31 -6.29 2.84
C HIS C 256 30.12 -5.99 1.35
N ASP C 257 29.30 -6.78 0.66
CA ASP C 257 29.22 -6.78 -0.79
C ASP C 257 28.66 -5.45 -1.30
N GLN C 258 27.76 -4.82 -0.53
CA GLN C 258 27.14 -3.58 -1.00
C GLN C 258 28.21 -2.51 -1.18
N GLY C 259 29.24 -2.54 -0.33
CA GLY C 259 30.27 -1.51 -0.33
C GLY C 259 31.45 -1.89 -1.22
N HIS C 260 31.75 -3.20 -1.28
CA HIS C 260 32.96 -3.66 -1.93
C HIS C 260 32.79 -3.65 -3.44
N ILE C 261 31.56 -3.89 -3.94
CA ILE C 261 31.34 -4.01 -5.37
C ILE C 261 31.64 -2.68 -6.07
N PRO C 262 31.06 -1.54 -5.62
CA PRO C 262 31.24 -0.27 -6.32
C PRO C 262 32.70 0.11 -6.43
N ILE C 263 33.46 -0.15 -5.34
CA ILE C 263 34.84 0.33 -5.27
C ILE C 263 35.74 -0.49 -6.19
N LYS C 264 35.61 -1.82 -6.17
CA LYS C 264 36.45 -2.67 -7.00
C LYS C 264 36.20 -2.39 -8.49
N LEU C 265 34.95 -2.02 -8.82
CA LEU C 265 34.57 -1.78 -10.20
C LEU C 265 35.18 -0.50 -10.75
N LEU C 266 34.96 0.61 -10.03
CA LEU C 266 35.34 1.93 -10.52
C LEU C 266 36.83 2.20 -10.29
N ALA C 267 37.43 1.55 -9.29
CA ALA C 267 38.80 1.86 -8.87
C ALA C 267 39.61 0.58 -8.71
N PRO C 268 39.88 -0.17 -9.80
CA PRO C 268 40.44 -1.51 -9.66
C PRO C 268 41.82 -1.45 -9.02
N ASN C 269 42.57 -0.36 -9.30
CA ASN C 269 43.89 -0.15 -8.73
C ASN C 269 44.07 1.20 -8.05
N GLY C 270 43.02 1.82 -7.50
CA GLY C 270 43.17 3.12 -6.87
C GLY C 270 42.49 3.22 -5.51
N ALA C 271 42.15 2.07 -4.92
CA ALA C 271 41.29 2.01 -3.76
C ALA C 271 42.15 2.06 -2.50
N SER C 272 41.74 2.84 -1.51
CA SER C 272 42.35 2.84 -0.19
C SER C 272 41.38 2.15 0.77
N ALA C 273 41.93 1.43 1.75
CA ALA C 273 41.14 0.85 2.83
C ALA C 273 41.56 1.51 4.14
N LEU C 274 40.65 2.27 4.74
CA LEU C 274 40.93 2.92 6.02
C LEU C 274 40.27 2.13 7.14
N SER C 275 41.05 1.73 8.15
CA SER C 275 40.48 1.18 9.38
C SER C 275 40.30 2.33 10.36
N ILE C 276 39.11 2.47 10.95
CA ILE C 276 38.80 3.63 11.78
C ILE C 276 38.24 3.18 13.13
N GLY C 277 38.94 3.55 14.21
CA GLY C 277 38.46 3.38 15.57
C GLY C 277 39.07 4.40 16.51
N GLY C 278 38.28 4.84 17.48
CA GLY C 278 38.67 5.98 18.29
C GLY C 278 39.06 7.18 17.42
N ARG C 279 40.23 7.75 17.71
CA ARG C 279 40.75 8.90 16.98
C ARG C 279 41.60 8.45 15.79
N VAL C 280 41.79 7.12 15.65
CA VAL C 280 42.86 6.58 14.83
C VAL C 280 42.31 6.23 13.45
N VAL C 281 43.03 6.67 12.42
CA VAL C 281 42.76 6.26 11.06
C VAL C 281 44.02 5.58 10.53
N LEU C 282 43.87 4.32 10.09
CA LEU C 282 44.98 3.52 9.61
C LEU C 282 44.68 3.08 8.19
N SER C 283 45.51 3.49 7.23
CA SER C 283 45.38 3.02 5.87
C SER C 283 46.49 2.02 5.58
N SER C 284 46.22 1.06 4.71
CA SER C 284 47.31 0.33 4.09
C SER C 284 47.59 0.97 2.73
N VAL C 285 48.69 0.59 2.09
CA VAL C 285 48.82 0.76 0.65
C VAL C 285 48.25 -0.55 0.13
N GLY C 286 47.67 -0.61 -1.07
CA GLY C 286 46.77 -1.74 -1.35
C GLY C 286 47.48 -2.95 -1.94
N HIS C 287 48.71 -3.24 -1.52
CA HIS C 287 49.46 -4.28 -2.20
C HIS C 287 50.32 -5.05 -1.19
N GLY C 288 50.87 -6.19 -1.64
CA GLY C 288 51.64 -7.05 -0.80
C GLY C 288 53.11 -6.67 -0.72
N SER C 289 53.87 -7.51 -0.03
CA SER C 289 55.25 -7.26 0.34
C SER C 289 56.21 -7.64 -0.78
N ALA C 290 55.73 -8.33 -1.82
CA ALA C 290 56.49 -8.59 -3.03
C ALA C 290 57.88 -9.19 -2.75
N MET C 291 57.91 -10.33 -2.08
CA MET C 291 59.17 -10.95 -1.66
C MET C 291 60.08 -11.27 -2.86
N ASP C 292 59.52 -11.54 -4.04
CA ASP C 292 60.31 -11.87 -5.21
C ASP C 292 61.13 -10.69 -5.74
N ILE C 293 60.77 -9.44 -5.41
CA ILE C 293 61.58 -8.31 -5.85
C ILE C 293 62.24 -7.59 -4.67
N ALA C 294 61.99 -8.03 -3.43
CA ALA C 294 62.56 -7.33 -2.29
C ALA C 294 64.07 -7.42 -2.36
N GLY C 295 64.72 -6.27 -2.16
CA GLY C 295 66.16 -6.17 -2.12
C GLY C 295 66.77 -6.07 -3.52
N ARG C 296 65.93 -5.92 -4.55
CA ARG C 296 66.40 -5.87 -5.93
C ARG C 296 66.21 -4.48 -6.52
N GLY C 297 65.53 -3.59 -5.79
CA GLY C 297 65.56 -2.16 -6.11
C GLY C 297 64.59 -1.79 -7.22
N VAL C 298 63.47 -2.51 -7.36
CA VAL C 298 62.56 -2.33 -8.49
C VAL C 298 61.15 -1.92 -8.03
N ALA C 299 60.97 -1.64 -6.75
CA ALA C 299 59.64 -1.32 -6.25
C ALA C 299 59.35 0.15 -6.47
N ASP C 300 58.10 0.43 -6.82
CA ASP C 300 57.59 1.76 -7.12
C ASP C 300 56.75 2.19 -5.91
N ALA C 301 56.75 3.50 -5.60
CA ALA C 301 56.18 4.02 -4.38
C ALA C 301 54.86 4.73 -4.63
N THR C 302 54.32 4.58 -5.85
CA THR C 302 53.14 5.30 -6.31
C THR C 302 51.95 5.05 -5.37
N ALA C 303 51.76 3.80 -4.94
CA ALA C 303 50.60 3.46 -4.13
C ALA C 303 50.73 4.09 -2.75
N LEU C 304 51.95 4.11 -2.22
CA LEU C 304 52.20 4.75 -0.94
C LEU C 304 51.96 6.26 -1.06
N LEU C 305 52.48 6.90 -2.12
CA LEU C 305 52.32 8.32 -2.29
C LEU C 305 50.84 8.69 -2.37
N ARG C 306 50.06 7.84 -3.04
CA ARG C 306 48.63 8.07 -3.19
C ARG C 306 47.94 8.03 -1.82
N THR C 307 48.38 7.09 -0.96
CA THR C 307 47.79 6.93 0.36
C THR C 307 48.13 8.15 1.22
N ILE C 308 49.38 8.62 1.11
CA ILE C 308 49.85 9.79 1.83
C ILE C 308 49.05 11.03 1.39
N ALA C 309 48.86 11.19 0.07
CA ALA C 309 48.09 12.33 -0.44
C ALA C 309 46.68 12.36 0.10
N LEU C 310 46.09 11.18 0.28
CA LEU C 310 44.71 11.07 0.73
C LEU C 310 44.57 11.43 2.21
N LEU C 311 45.48 10.90 3.05
CA LEU C 311 45.43 11.14 4.48
C LEU C 311 46.04 12.50 4.81
N GLY C 312 46.86 13.05 3.90
CA GLY C 312 47.62 14.25 4.21
C GLY C 312 46.93 15.54 3.76
N ALA C 313 45.62 15.50 3.54
CA ALA C 313 44.92 16.54 2.80
C ALA C 313 44.76 17.84 3.59
N GLN C 314 44.81 18.96 2.85
CA GLN C 314 44.38 20.29 3.27
C GLN C 314 45.46 21.33 2.90
N THR D 3 4.02 -9.91 9.67
CA THR D 3 2.66 -10.28 9.22
C THR D 3 1.76 -9.04 9.22
N ILE D 4 1.42 -8.36 10.35
CA ILE D 4 0.39 -7.33 10.27
C ILE D 4 0.92 -5.93 10.56
N VAL D 5 2.18 -5.83 11.01
CA VAL D 5 2.80 -4.54 11.34
C VAL D 5 3.96 -4.30 10.40
N HIS D 6 3.91 -3.22 9.60
CA HIS D 6 4.93 -2.97 8.59
C HIS D 6 5.47 -1.54 8.72
N ARG D 7 5.19 -0.89 9.84
CA ARG D 7 5.63 0.48 10.06
C ARG D 7 5.61 0.77 11.56
N ARG D 8 6.24 1.87 11.95
CA ARG D 8 6.33 2.21 13.36
C ARG D 8 5.01 2.81 13.82
N LEU D 9 4.55 2.36 15.00
CA LEU D 9 3.33 2.84 15.59
C LEU D 9 3.58 3.20 17.05
N ALA D 10 2.80 4.16 17.55
CA ALA D 10 2.69 4.43 18.97
C ALA D 10 1.44 3.75 19.50
N LEU D 11 1.52 3.15 20.69
CA LEU D 11 0.36 2.60 21.37
C LEU D 11 0.22 3.28 22.74
N ALA D 12 -0.80 4.15 22.91
CA ALA D 12 -1.10 4.74 24.21
C ALA D 12 -2.08 3.84 24.95
N ILE D 13 -1.78 3.47 26.21
CA ILE D 13 -2.45 2.33 26.83
C ILE D 13 -3.73 2.75 27.54
N GLY D 14 -4.09 4.05 27.46
CA GLY D 14 -5.40 4.52 27.86
C GLY D 14 -5.49 4.69 29.38
N ASP D 15 -6.73 4.60 29.90
CA ASP D 15 -6.97 4.63 31.34
C ASP D 15 -6.26 3.43 31.94
N PRO D 16 -5.30 3.67 32.85
CA PRO D 16 -4.52 2.61 33.48
C PRO D 16 -5.26 1.79 34.52
N HIS D 17 -6.49 2.19 34.85
CA HIS D 17 -7.36 1.45 35.73
C HIS D 17 -8.31 0.58 34.91
N GLY D 18 -8.38 0.85 33.59
CA GLY D 18 -9.26 0.11 32.68
C GLY D 18 -8.57 -1.13 32.14
N ILE D 19 -9.09 -1.65 31.01
CA ILE D 19 -8.59 -2.86 30.37
C ILE D 19 -7.50 -2.55 29.35
N GLY D 20 -7.25 -1.25 29.11
CA GLY D 20 -6.31 -0.80 28.10
C GLY D 20 -4.94 -1.44 28.24
N PRO D 21 -4.28 -1.34 29.41
CA PRO D 21 -3.00 -2.03 29.62
C PRO D 21 -3.05 -3.52 29.30
N GLU D 22 -4.09 -4.20 29.78
CA GLU D 22 -4.21 -5.64 29.62
C GLU D 22 -4.32 -6.06 28.16
N ILE D 23 -5.11 -5.30 27.38
CA ILE D 23 -5.31 -5.64 25.97
C ILE D 23 -4.10 -5.20 25.16
N ALA D 24 -3.32 -4.23 25.66
CA ALA D 24 -2.11 -3.84 24.94
C ALA D 24 -1.14 -5.01 24.99
N LEU D 25 -0.97 -5.62 26.17
CA LEU D 25 -0.08 -6.76 26.33
C LEU D 25 -0.59 -7.94 25.51
N LYS D 26 -1.88 -8.26 25.61
CA LYS D 26 -2.42 -9.42 24.92
C LYS D 26 -2.26 -9.28 23.41
N ALA D 27 -2.34 -8.04 22.90
CA ALA D 27 -2.11 -7.76 21.50
C ALA D 27 -0.64 -7.97 21.14
N LEU D 28 0.26 -7.36 21.93
CA LEU D 28 1.69 -7.45 21.67
C LEU D 28 2.15 -8.91 21.76
N GLN D 29 1.52 -9.70 22.66
CA GLN D 29 1.81 -11.10 22.78
C GLN D 29 1.58 -11.81 21.46
N GLN D 30 0.50 -11.48 20.74
CA GLN D 30 0.13 -12.16 19.50
C GLN D 30 1.11 -11.85 18.37
N LEU D 31 1.88 -10.78 18.48
CA LEU D 31 2.79 -10.39 17.42
C LEU D 31 4.11 -11.14 17.55
N SER D 32 4.88 -11.18 16.47
CA SER D 32 6.24 -11.69 16.51
C SER D 32 7.14 -10.70 17.24
N ALA D 33 8.37 -11.13 17.53
CA ALA D 33 9.35 -10.29 18.23
C ALA D 33 9.68 -9.03 17.41
N THR D 34 9.82 -9.20 16.09
CA THR D 34 10.16 -8.12 15.19
C THR D 34 9.01 -7.10 15.13
N GLU D 35 7.77 -7.59 15.10
CA GLU D 35 6.61 -6.73 15.08
C GLU D 35 6.52 -5.94 16.38
N ARG D 36 6.77 -6.63 17.51
CA ARG D 36 6.70 -6.01 18.82
C ARG D 36 7.59 -4.77 18.87
N SER D 37 8.75 -4.87 18.21
CA SER D 37 9.76 -3.84 18.30
C SER D 37 9.42 -2.62 17.42
N LEU D 38 8.32 -2.69 16.64
CA LEU D 38 7.87 -1.55 15.86
C LEU D 38 6.77 -0.76 16.55
N ILE D 39 6.30 -1.26 17.69
CA ILE D 39 5.24 -0.62 18.44
C ILE D 39 5.87 -0.07 19.72
N LYS D 40 5.80 1.25 19.89
CA LYS D 40 6.32 1.91 21.08
C LYS D 40 5.13 2.23 21.99
N VAL D 41 5.16 1.71 23.23
CA VAL D 41 4.02 1.77 24.12
C VAL D 41 4.17 2.99 25.01
N TYR D 42 3.12 3.79 25.15
CA TYR D 42 3.19 5.01 25.97
C TYR D 42 2.22 4.83 27.14
N GLY D 43 2.72 4.98 28.36
CA GLY D 43 1.86 4.83 29.52
C GLY D 43 2.68 4.59 30.78
N PRO D 44 2.02 4.55 31.95
CA PRO D 44 2.74 4.27 33.20
C PRO D 44 3.18 2.82 33.26
N TRP D 45 4.46 2.62 33.56
CA TRP D 45 5.00 1.28 33.68
C TRP D 45 4.23 0.48 34.75
N SER D 46 3.85 1.14 35.83
CA SER D 46 3.25 0.49 36.99
C SER D 46 1.98 -0.25 36.60
N ALA D 47 1.25 0.29 35.61
CA ALA D 47 0.01 -0.31 35.16
C ALA D 47 0.30 -1.49 34.23
N LEU D 48 1.35 -1.39 33.42
CA LEU D 48 1.71 -2.50 32.55
C LEU D 48 2.20 -3.66 33.42
N GLU D 49 2.94 -3.35 34.48
CA GLU D 49 3.43 -4.35 35.42
C GLU D 49 2.25 -5.07 36.04
N GLN D 50 1.28 -4.27 36.54
CA GLN D 50 0.08 -4.82 37.15
C GLN D 50 -0.63 -5.78 36.19
N ALA D 51 -0.87 -5.34 34.97
CA ALA D 51 -1.57 -6.14 34.00
C ALA D 51 -0.77 -7.37 33.62
N ALA D 52 0.57 -7.28 33.57
CA ALA D 52 1.38 -8.41 33.18
C ALA D 52 1.27 -9.51 34.24
N GLN D 53 1.15 -9.12 35.51
CA GLN D 53 1.01 -10.08 36.60
C GLN D 53 -0.33 -10.80 36.50
N ILE D 54 -1.40 -10.03 36.31
CA ILE D 54 -2.73 -10.57 36.21
C ILE D 54 -2.83 -11.54 35.03
N CYS D 55 -2.27 -11.16 33.87
CA CYS D 55 -2.33 -11.95 32.65
C CYS D 55 -1.21 -12.99 32.55
N GLN D 56 -0.26 -12.99 33.52
CA GLN D 56 0.90 -13.88 33.51
C GLN D 56 1.70 -13.72 32.23
N MET D 57 2.05 -12.47 31.94
CA MET D 57 2.87 -12.11 30.78
C MET D 57 4.05 -11.26 31.25
N GLU D 58 4.66 -11.64 32.38
CA GLU D 58 5.73 -10.88 33.00
C GLU D 58 6.95 -10.88 32.08
N SER D 59 7.21 -12.04 31.45
CA SER D 59 8.42 -12.19 30.65
C SER D 59 8.32 -11.37 29.36
N LEU D 60 7.12 -10.94 29.00
CA LEU D 60 6.92 -10.11 27.82
C LEU D 60 7.46 -8.69 28.02
N LEU D 61 7.45 -8.21 29.28
CA LEU D 61 7.79 -6.84 29.62
C LEU D 61 9.22 -6.48 29.21
N GLN D 62 10.13 -7.45 29.23
CA GLN D 62 11.53 -7.22 28.93
C GLN D 62 11.70 -6.83 27.46
N ASP D 63 10.74 -7.21 26.60
CA ASP D 63 10.81 -7.02 25.15
C ASP D 63 10.11 -5.73 24.72
N LEU D 64 9.33 -5.10 25.60
CA LEU D 64 8.53 -3.96 25.22
C LEU D 64 9.41 -2.76 24.89
N ILE D 65 9.09 -2.05 23.83
CA ILE D 65 9.64 -0.71 23.66
C ILE D 65 8.66 0.25 24.32
N HIS D 66 9.16 1.02 25.30
CA HIS D 66 8.28 1.72 26.22
C HIS D 66 8.79 3.15 26.45
N GLU D 67 7.86 4.09 26.59
CA GLU D 67 8.21 5.39 27.11
C GLU D 67 7.27 5.73 28.25
N GLU D 68 7.83 6.13 29.39
CA GLU D 68 7.04 6.54 30.52
C GLU D 68 6.27 7.80 30.16
N ALA D 69 4.95 7.72 30.34
CA ALA D 69 4.06 8.87 30.27
C ALA D 69 2.88 8.58 31.19
N GLY D 70 2.31 9.65 31.73
CA GLY D 70 1.15 9.52 32.61
C GLY D 70 1.47 8.71 33.86
N SER D 71 2.64 8.95 34.45
CA SER D 71 3.06 8.28 35.66
C SER D 71 2.01 8.48 36.73
N LEU D 72 1.90 7.48 37.61
CA LEU D 72 0.96 7.52 38.71
C LEU D 72 1.72 7.78 40.01
N ALA D 73 1.05 8.48 40.92
CA ALA D 73 1.59 8.80 42.22
C ALA D 73 1.09 7.79 43.25
N GLN D 74 0.20 6.88 42.86
CA GLN D 74 -0.34 5.89 43.78
C GLN D 74 -0.43 4.54 43.08
N PRO D 75 -0.56 3.42 43.82
CA PRO D 75 -0.75 2.12 43.17
C PRO D 75 -2.00 2.07 42.29
N VAL D 76 -1.93 1.24 41.23
CA VAL D 76 -3.03 1.07 40.32
C VAL D 76 -4.20 0.45 41.08
N GLN D 77 -5.41 1.00 40.89
CA GLN D 77 -6.64 0.46 41.44
C GLN D 77 -7.58 0.06 40.30
N CYS D 78 -7.46 -1.18 39.83
CA CYS D 78 -8.25 -1.62 38.69
C CYS D 78 -9.72 -1.42 39.01
N GLY D 79 -10.45 -0.90 38.03
CA GLY D 79 -11.90 -0.76 38.13
C GLY D 79 -12.33 0.60 38.67
N GLU D 80 -11.40 1.38 39.23
CA GLU D 80 -11.78 2.60 39.94
C GLU D 80 -11.58 3.83 39.07
N ILE D 81 -12.66 4.63 39.00
CA ILE D 81 -12.62 5.92 38.33
C ILE D 81 -11.93 6.91 39.26
N THR D 82 -10.76 7.45 38.84
CA THR D 82 -10.02 8.41 39.65
C THR D 82 -9.47 9.50 38.75
N PRO D 83 -9.42 10.76 39.23
CA PRO D 83 -8.85 11.85 38.42
C PRO D 83 -7.41 11.57 37.95
N GLN D 84 -6.61 10.94 38.81
CA GLN D 84 -5.22 10.61 38.49
C GLN D 84 -5.19 9.75 37.24
N ALA D 85 -6.09 8.77 37.17
CA ALA D 85 -6.16 7.86 36.05
C ALA D 85 -6.54 8.62 34.79
N GLY D 86 -7.36 9.64 34.96
CA GLY D 86 -7.80 10.45 33.83
C GLY D 86 -6.66 11.26 33.25
N LEU D 87 -5.91 11.91 34.14
CA LEU D 87 -4.75 12.68 33.72
C LEU D 87 -3.78 11.77 33.00
N SER D 88 -3.55 10.57 33.55
CA SER D 88 -2.65 9.59 32.96
C SER D 88 -3.01 9.35 31.49
N THR D 89 -4.30 9.09 31.24
CA THR D 89 -4.81 8.79 29.90
C THR D 89 -4.42 9.89 28.92
N VAL D 90 -4.63 11.15 29.32
CA VAL D 90 -4.43 12.28 28.41
C VAL D 90 -2.94 12.48 28.16
N GLN D 91 -2.12 12.28 29.21
CA GLN D 91 -0.68 12.42 29.08
C GLN D 91 -0.11 11.35 28.14
N SER D 92 -0.54 10.10 28.30
CA SER D 92 -0.06 9.01 27.47
C SER D 92 -0.39 9.30 26.03
N ALA D 93 -1.65 9.70 25.80
CA ALA D 93 -2.12 9.93 24.45
C ALA D 93 -1.40 11.16 23.87
N THR D 94 -1.24 12.22 24.66
CA THR D 94 -0.55 13.40 24.20
C THR D 94 0.88 13.05 23.78
N ALA D 95 1.55 12.18 24.52
CA ALA D 95 2.95 11.86 24.22
C ALA D 95 3.04 11.05 22.93
N ALA D 96 2.05 10.17 22.69
CA ALA D 96 2.02 9.41 21.45
C ALA D 96 1.78 10.35 20.28
N ILE D 97 0.82 11.27 20.42
CA ILE D 97 0.50 12.21 19.35
C ILE D 97 1.75 13.01 18.99
N ARG D 98 2.47 13.52 20.00
CA ARG D 98 3.66 14.33 19.76
C ARG D 98 4.73 13.51 19.04
N ALA D 99 4.78 12.21 19.30
CA ALA D 99 5.76 11.34 18.65
C ALA D 99 5.43 11.16 17.16
N CYS D 100 4.14 11.12 16.83
CA CYS D 100 3.68 11.06 15.45
C CYS D 100 3.96 12.40 14.77
N GLU D 101 3.65 13.51 15.46
CA GLU D 101 3.87 14.84 14.93
C GLU D 101 5.34 15.05 14.52
N SER D 102 6.26 14.52 15.33
CA SER D 102 7.69 14.72 15.12
C SER D 102 8.27 13.68 14.15
N GLY D 103 7.47 12.70 13.70
CA GLY D 103 7.91 11.73 12.71
C GLY D 103 8.56 10.48 13.31
N GLU D 104 8.50 10.32 14.64
CA GLU D 104 9.07 9.15 15.30
C GLU D 104 8.22 7.91 15.01
N VAL D 105 6.91 8.09 14.89
CA VAL D 105 6.00 7.03 14.49
C VAL D 105 5.13 7.54 13.34
N ASP D 106 4.46 6.60 12.66
CA ASP D 106 3.63 6.88 11.49
C ASP D 106 2.16 7.03 11.87
N ALA D 107 1.76 6.45 13.01
CA ALA D 107 0.39 6.58 13.46
C ALA D 107 0.31 6.17 14.92
N VAL D 108 -0.85 6.48 15.51
CA VAL D 108 -1.06 6.32 16.94
C VAL D 108 -2.32 5.51 17.13
N ILE D 109 -2.27 4.58 18.08
CA ILE D 109 -3.44 3.86 18.54
C ILE D 109 -3.64 4.19 20.01
N ALA D 110 -4.83 4.65 20.36
CA ALA D 110 -5.17 4.93 21.74
C ALA D 110 -6.10 3.84 22.25
N CYS D 111 -5.67 3.16 23.32
CA CYS D 111 -6.53 2.21 24.00
C CYS D 111 -7.62 3.00 24.74
N PRO D 112 -8.65 2.30 25.28
CA PRO D 112 -9.84 2.99 25.80
C PRO D 112 -9.64 3.95 26.97
N HIS D 113 -10.26 5.13 26.85
CA HIS D 113 -10.26 6.12 27.91
C HIS D 113 -11.55 5.98 28.72
N HIS D 114 -11.62 6.70 29.84
CA HIS D 114 -12.86 6.85 30.59
C HIS D 114 -13.19 8.33 30.72
N GLU D 115 -14.33 8.75 30.17
CA GLU D 115 -14.67 10.15 30.03
C GLU D 115 -14.80 10.81 31.40
N THR D 116 -15.36 10.08 32.37
CA THR D 116 -15.59 10.62 33.70
C THR D 116 -14.26 10.90 34.40
N ALA D 117 -13.29 9.99 34.21
CA ALA D 117 -11.99 10.13 34.85
C ALA D 117 -11.34 11.41 34.34
N ILE D 118 -11.40 11.63 33.02
CA ILE D 118 -10.78 12.79 32.43
C ILE D 118 -11.44 14.07 32.94
N HIS D 119 -12.79 14.08 32.99
CA HIS D 119 -13.53 15.24 33.46
C HIS D 119 -13.16 15.56 34.90
N ARG D 120 -13.05 14.54 35.76
CA ARG D 120 -12.72 14.74 37.16
C ARG D 120 -11.31 15.31 37.36
N ALA D 121 -10.41 15.10 36.40
CA ALA D 121 -9.09 15.70 36.44
C ALA D 121 -9.13 17.19 36.04
N GLY D 122 -10.32 17.68 35.67
CA GLY D 122 -10.49 19.06 35.25
C GLY D 122 -10.07 19.26 33.80
N ILE D 123 -10.03 18.18 33.01
CA ILE D 123 -9.60 18.28 31.63
C ILE D 123 -10.83 18.23 30.72
N ALA D 124 -10.93 19.23 29.82
CA ALA D 124 -11.96 19.28 28.80
C ALA D 124 -11.70 18.20 27.74
N PHE D 125 -12.72 17.41 27.44
CA PHE D 125 -12.58 16.31 26.49
C PHE D 125 -13.91 16.00 25.86
N SER D 126 -13.98 16.01 24.51
CA SER D 126 -15.19 15.66 23.79
C SER D 126 -14.88 14.63 22.70
N GLY D 127 -13.82 13.85 22.89
CA GLY D 127 -13.38 12.90 21.87
C GLY D 127 -11.97 13.21 21.39
N TYR D 128 -11.44 12.25 20.63
CA TYR D 128 -10.07 12.32 20.16
C TYR D 128 -9.89 13.46 19.15
N PRO D 129 -10.88 13.78 18.29
CA PRO D 129 -10.78 14.94 17.42
C PRO D 129 -10.46 16.24 18.16
N SER D 130 -11.06 16.46 19.34
CA SER D 130 -10.81 17.68 20.08
C SER D 130 -9.43 17.64 20.71
N LEU D 131 -9.04 16.47 21.26
CA LEU D 131 -7.73 16.32 21.88
C LEU D 131 -6.63 16.56 20.85
N LEU D 132 -6.80 15.92 19.69
CA LEU D 132 -5.80 15.96 18.64
C LEU D 132 -5.63 17.39 18.13
N ALA D 133 -6.73 18.13 18.00
CA ALA D 133 -6.68 19.52 17.58
C ALA D 133 -5.92 20.34 18.61
N ASN D 134 -6.24 20.09 19.88
CA ASN D 134 -5.71 20.87 20.99
C ASN D 134 -4.19 20.69 21.04
N VAL D 135 -3.74 19.44 20.94
CA VAL D 135 -2.32 19.12 21.03
C VAL D 135 -1.58 19.70 19.82
N LEU D 136 -2.14 19.57 18.62
CA LEU D 136 -1.47 20.00 17.40
C LEU D 136 -1.65 21.49 17.18
N GLY D 137 -2.49 22.16 17.99
CA GLY D 137 -2.71 23.59 17.91
C GLY D 137 -3.46 24.01 16.65
N MET D 138 -4.45 23.19 16.24
CA MET D 138 -5.35 23.54 15.14
C MET D 138 -6.78 23.65 15.68
N ASN D 139 -7.71 24.11 14.82
CA ASN D 139 -9.12 24.25 15.19
C ASN D 139 -9.80 22.90 15.01
N GLU D 140 -10.87 22.68 15.79
CA GLU D 140 -11.61 21.42 15.75
C GLU D 140 -12.23 21.20 14.37
N ASP D 141 -12.38 22.30 13.61
CA ASP D 141 -12.98 22.31 12.29
C ASP D 141 -12.08 21.63 11.25
N GLU D 142 -10.77 21.51 11.57
CA GLU D 142 -9.78 21.00 10.62
C GLU D 142 -9.37 19.57 10.99
N VAL D 143 -10.03 18.94 11.97
CA VAL D 143 -9.75 17.55 12.32
C VAL D 143 -10.99 16.70 12.09
N PHE D 144 -10.83 15.60 11.34
CA PHE D 144 -11.96 14.86 10.81
C PHE D 144 -11.94 13.42 11.32
N LEU D 145 -13.12 12.83 11.41
CA LEU D 145 -13.24 11.44 11.77
C LEU D 145 -13.48 10.58 10.53
N MET D 146 -12.64 9.57 10.34
CA MET D 146 -12.87 8.54 9.33
C MET D 146 -13.19 7.19 10.00
N LEU D 147 -14.36 6.60 9.73
CA LEU D 147 -14.66 5.26 10.19
C LEU D 147 -14.19 4.26 9.15
N VAL D 148 -13.59 3.16 9.61
CA VAL D 148 -13.09 2.13 8.73
C VAL D 148 -13.53 0.77 9.27
N GLY D 149 -14.19 0.00 8.40
CA GLY D 149 -14.65 -1.33 8.74
C GLY D 149 -15.24 -2.04 7.52
N ALA D 150 -14.87 -3.32 7.38
CA ALA D 150 -15.44 -4.24 6.42
C ALA D 150 -15.25 -3.75 4.99
N GLY D 151 -14.08 -3.17 4.69
CA GLY D 151 -13.79 -2.66 3.36
C GLY D 151 -14.24 -1.22 3.16
N LEU D 152 -15.21 -0.74 3.95
CA LEU D 152 -15.72 0.61 3.83
C LEU D 152 -14.81 1.59 4.54
N ARG D 153 -14.58 2.75 3.90
CA ARG D 153 -13.90 3.86 4.52
C ARG D 153 -14.76 5.10 4.30
N ILE D 154 -15.14 5.79 5.39
CA ILE D 154 -16.05 6.92 5.29
C ILE D 154 -15.56 8.05 6.18
N VAL D 155 -15.21 9.18 5.58
CA VAL D 155 -14.84 10.38 6.32
C VAL D 155 -16.09 11.23 6.53
N HIS D 156 -16.21 11.84 7.71
CA HIS D 156 -17.38 12.63 8.07
C HIS D 156 -17.01 14.11 7.99
N VAL D 157 -17.76 14.87 7.20
CA VAL D 157 -17.48 16.29 7.09
C VAL D 157 -17.90 17.00 8.37
N THR D 158 -19.01 16.55 8.97
CA THR D 158 -19.45 16.99 10.28
C THR D 158 -19.65 15.77 11.17
N LEU D 159 -19.84 16.00 12.48
CA LEU D 159 -19.92 14.96 13.47
C LEU D 159 -20.41 15.57 14.77
N HIS D 160 -21.28 14.89 15.49
CA HIS D 160 -21.62 15.24 16.87
C HIS D 160 -22.03 16.69 17.03
N GLU D 161 -23.13 16.99 16.34
CA GLU D 161 -23.86 18.24 16.52
C GLU D 161 -25.25 17.98 15.93
N SER D 162 -26.18 18.87 16.25
CA SER D 162 -27.53 18.75 15.72
C SER D 162 -27.44 18.78 14.20
N VAL D 163 -28.42 18.16 13.54
CA VAL D 163 -28.44 18.13 12.10
C VAL D 163 -28.50 19.57 11.58
N ARG D 164 -29.35 20.40 12.21
CA ARG D 164 -29.51 21.79 11.83
C ARG D 164 -28.18 22.52 11.90
N SER D 165 -27.45 22.31 13.01
CA SER D 165 -26.19 23.00 13.19
C SER D 165 -25.15 22.47 12.18
N ALA D 166 -25.19 21.19 11.82
CA ALA D 166 -24.29 20.65 10.80
C ALA D 166 -24.56 21.33 9.45
N LEU D 167 -25.84 21.51 9.11
CA LEU D 167 -26.22 22.07 7.82
C LEU D 167 -25.74 23.52 7.74
N GLU D 168 -25.78 24.25 8.85
CA GLU D 168 -25.38 25.65 8.87
C GLU D 168 -23.86 25.77 8.66
N ARG D 169 -23.09 24.75 9.03
CA ARG D 169 -21.64 24.81 8.99
C ARG D 169 -21.12 24.29 7.64
N LEU D 170 -21.87 23.43 6.95
CA LEU D 170 -21.35 22.84 5.73
C LEU D 170 -20.99 23.96 4.76
N SER D 171 -19.80 23.85 4.15
CA SER D 171 -19.39 24.75 3.08
C SER D 171 -18.53 23.97 2.08
N PRO D 172 -18.27 24.48 0.85
CA PRO D 172 -17.39 23.79 -0.10
C PRO D 172 -16.02 23.53 0.52
N GLN D 173 -15.49 24.54 1.22
CA GLN D 173 -14.12 24.45 1.74
C GLN D 173 -14.04 23.33 2.80
N LEU D 174 -15.05 23.24 3.66
CA LEU D 174 -15.07 22.22 4.70
C LEU D 174 -15.03 20.83 4.08
N VAL D 175 -15.79 20.62 3.00
CA VAL D 175 -15.84 19.34 2.31
C VAL D 175 -14.48 19.04 1.69
N ILE D 176 -13.82 20.05 1.11
CA ILE D 176 -12.53 19.87 0.46
C ILE D 176 -11.48 19.46 1.48
N ASN D 177 -11.51 20.11 2.65
CA ASN D 177 -10.53 19.87 3.69
C ASN D 177 -10.67 18.45 4.24
N ALA D 178 -11.92 18.01 4.35
CA ALA D 178 -12.24 16.68 4.82
C ALA D 178 -11.63 15.64 3.88
N VAL D 179 -11.78 15.89 2.57
CA VAL D 179 -11.35 14.93 1.57
C VAL D 179 -9.82 14.90 1.50
N ASP D 180 -9.18 16.07 1.56
CA ASP D 180 -7.72 16.15 1.54
C ASP D 180 -7.15 15.33 2.70
N ALA D 181 -7.64 15.59 3.90
CA ALA D 181 -7.24 14.84 5.09
C ALA D 181 -7.47 13.33 4.90
N ALA D 182 -8.62 12.96 4.33
CA ALA D 182 -8.98 11.56 4.17
C ALA D 182 -8.11 10.89 3.10
N VAL D 183 -7.75 11.63 2.06
CA VAL D 183 -6.96 11.08 0.97
C VAL D 183 -5.53 10.81 1.43
N GLN D 184 -4.96 11.73 2.22
CA GLN D 184 -3.61 11.56 2.75
C GLN D 184 -3.58 10.36 3.72
N THR D 185 -4.66 10.18 4.48
CA THR D 185 -4.75 9.04 5.38
C THR D 185 -4.83 7.75 4.56
N CYS D 186 -5.51 7.79 3.41
CA CYS D 186 -5.63 6.60 2.59
C CYS D 186 -4.24 6.10 2.17
N THR D 187 -3.33 7.03 1.81
CA THR D 187 -1.96 6.66 1.51
C THR D 187 -1.37 5.83 2.64
N LEU D 188 -1.60 6.26 3.88
CA LEU D 188 -1.09 5.56 5.05
C LEU D 188 -1.73 4.18 5.20
N LEU D 189 -3.00 4.03 4.78
CA LEU D 189 -3.74 2.79 4.94
C LEU D 189 -3.42 1.79 3.83
N GLY D 190 -2.63 2.22 2.83
CA GLY D 190 -2.14 1.34 1.77
C GLY D 190 -2.93 1.47 0.47
N VAL D 191 -3.62 2.60 0.28
CA VAL D 191 -4.38 2.85 -0.94
C VAL D 191 -3.99 4.24 -1.46
N PRO D 192 -2.90 4.38 -2.24
CA PRO D 192 -2.58 5.69 -2.82
C PRO D 192 -3.52 5.83 -4.02
N LYS D 193 -3.92 7.07 -4.26
CA LYS D 193 -4.78 7.42 -5.39
C LYS D 193 -6.16 6.78 -5.22
N PRO D 194 -6.89 7.06 -4.11
CA PRO D 194 -8.23 6.48 -3.93
C PRO D 194 -9.26 7.11 -4.87
N GLN D 195 -10.24 6.26 -5.23
CA GLN D 195 -11.44 6.67 -5.93
C GLN D 195 -12.51 7.06 -4.91
N VAL D 196 -12.93 8.33 -4.97
CA VAL D 196 -13.69 8.95 -3.91
C VAL D 196 -15.14 9.13 -4.35
N ALA D 197 -16.08 8.90 -3.42
CA ALA D 197 -17.48 9.17 -3.68
C ALA D 197 -18.01 10.13 -2.62
N VAL D 198 -18.63 11.23 -3.07
CA VAL D 198 -19.14 12.25 -2.18
C VAL D 198 -20.64 12.08 -2.04
N PHE D 199 -21.13 11.89 -0.81
CA PHE D 199 -22.57 11.81 -0.57
C PHE D 199 -23.20 13.18 -0.79
N GLY D 200 -24.49 13.15 -1.16
CA GLY D 200 -25.29 14.36 -1.17
C GLY D 200 -25.80 14.69 0.22
N ILE D 201 -26.07 15.97 0.45
CA ILE D 201 -26.61 16.42 1.73
C ILE D 201 -28.07 16.01 1.81
N ASN D 202 -28.81 16.30 0.73
CA ASN D 202 -30.22 16.03 0.63
C ASN D 202 -30.44 14.71 -0.10
N PRO D 203 -31.64 14.08 0.00
CA PRO D 203 -31.91 12.86 -0.76
C PRO D 203 -31.62 13.04 -2.25
N HIS D 204 -31.07 11.99 -2.88
CA HIS D 204 -30.80 11.96 -4.31
C HIS D 204 -29.83 13.09 -4.68
N ALA D 205 -29.00 13.52 -3.72
CA ALA D 205 -28.11 14.65 -3.93
C ALA D 205 -28.86 15.87 -4.47
N SER D 206 -30.05 16.12 -3.90
CA SER D 206 -30.89 17.27 -4.23
C SER D 206 -31.63 17.09 -5.56
N GLU D 207 -31.26 16.07 -6.34
CA GLU D 207 -31.79 15.83 -7.66
C GLU D 207 -31.80 17.13 -8.43
N GLY D 208 -30.60 17.67 -8.67
CA GLY D 208 -30.48 19.02 -9.18
C GLY D 208 -30.81 20.02 -8.07
N GLN D 209 -32.05 20.52 -8.07
CA GLN D 209 -32.51 21.50 -7.09
C GLN D 209 -33.92 21.16 -6.62
N LEU D 210 -34.42 19.97 -7.00
CA LEU D 210 -35.79 19.60 -6.73
C LEU D 210 -36.01 19.36 -5.23
N PHE D 211 -34.95 19.00 -4.49
CA PHE D 211 -35.08 18.77 -3.06
C PHE D 211 -34.10 19.66 -2.31
N GLY D 212 -34.04 20.95 -2.65
CA GLY D 212 -33.21 21.91 -1.94
C GLY D 212 -31.97 22.33 -2.72
N LEU D 213 -31.41 23.48 -2.35
CA LEU D 213 -30.31 24.10 -3.09
C LEU D 213 -28.94 23.69 -2.54
N GLU D 214 -28.92 23.06 -1.35
CA GLU D 214 -27.70 22.84 -0.60
C GLU D 214 -26.62 22.20 -1.48
N ASP D 215 -26.92 21.11 -2.19
CA ASP D 215 -25.88 20.40 -2.92
C ASP D 215 -25.31 21.26 -4.05
N SER D 216 -26.14 22.01 -4.79
CA SER D 216 -25.62 22.91 -5.83
C SER D 216 -24.65 23.94 -5.25
N GLN D 217 -24.88 24.36 -4.00
CA GLN D 217 -24.07 25.38 -3.36
C GLN D 217 -22.82 24.82 -2.68
N ILE D 218 -22.85 23.53 -2.31
CA ILE D 218 -21.86 22.98 -1.40
C ILE D 218 -21.10 21.81 -2.04
N THR D 219 -21.76 20.72 -2.34
CA THR D 219 -21.04 19.50 -2.71
C THR D 219 -20.59 19.57 -4.17
N VAL D 220 -21.40 20.20 -5.02
CA VAL D 220 -21.09 20.26 -6.45
C VAL D 220 -19.84 21.11 -6.67
N PRO D 221 -19.72 22.36 -6.17
CA PRO D 221 -18.49 23.15 -6.35
C PRO D 221 -17.27 22.46 -5.75
N ALA D 222 -17.48 21.72 -4.66
CA ALA D 222 -16.40 21.03 -3.95
C ALA D 222 -15.82 19.89 -4.79
N VAL D 223 -16.71 19.12 -5.43
CA VAL D 223 -16.28 18.05 -6.29
C VAL D 223 -15.56 18.63 -7.50
N GLU D 224 -16.13 19.71 -8.07
CA GLU D 224 -15.53 20.36 -9.24
C GLU D 224 -14.09 20.79 -8.94
N THR D 225 -13.88 21.39 -7.75
CA THR D 225 -12.55 21.84 -7.34
C THR D 225 -11.61 20.65 -7.12
N LEU D 226 -12.08 19.59 -6.45
CA LEU D 226 -11.24 18.43 -6.17
C LEU D 226 -10.81 17.76 -7.48
N ARG D 227 -11.73 17.69 -8.44
CA ARG D 227 -11.47 17.03 -9.72
C ARG D 227 -10.44 17.84 -10.52
N LYS D 228 -10.57 19.17 -10.50
CA LYS D 228 -9.63 20.07 -11.18
C LYS D 228 -8.23 19.95 -10.58
N ARG D 229 -8.15 19.60 -9.28
CA ARG D 229 -6.87 19.42 -8.62
C ARG D 229 -6.32 18.02 -8.89
N GLY D 230 -7.10 17.18 -9.57
CA GLY D 230 -6.60 15.94 -10.14
C GLY D 230 -7.02 14.71 -9.33
N LEU D 231 -8.05 14.84 -8.49
CA LEU D 231 -8.57 13.70 -7.75
C LEU D 231 -9.67 13.04 -8.56
N THR D 232 -9.75 11.70 -8.48
CA THR D 232 -10.83 10.93 -9.08
C THR D 232 -12.01 10.93 -8.11
N VAL D 233 -13.06 11.71 -8.41
CA VAL D 233 -14.13 11.99 -7.49
C VAL D 233 -15.46 11.87 -8.23
N ASP D 234 -16.39 11.08 -7.68
CA ASP D 234 -17.74 11.02 -8.20
C ASP D 234 -18.67 11.75 -7.25
N GLY D 235 -19.79 12.25 -7.77
CA GLY D 235 -20.86 12.77 -6.93
C GLY D 235 -21.01 14.28 -7.07
N PRO D 236 -21.87 14.93 -6.25
CA PRO D 236 -22.61 14.24 -5.19
C PRO D 236 -23.60 13.20 -5.71
N MET D 237 -23.75 12.12 -4.96
CA MET D 237 -24.73 11.09 -5.28
C MET D 237 -25.53 10.77 -4.02
N GLY D 238 -26.75 10.26 -4.21
CA GLY D 238 -27.50 9.69 -3.10
C GLY D 238 -26.64 8.66 -2.38
N ALA D 239 -26.52 8.83 -1.07
CA ALA D 239 -25.72 7.95 -0.23
C ALA D 239 -26.08 6.48 -0.48
N ASP D 240 -27.37 6.17 -0.42
CA ASP D 240 -27.87 4.80 -0.58
C ASP D 240 -27.42 4.18 -1.90
N MET D 241 -27.44 4.97 -2.97
CA MET D 241 -27.14 4.49 -4.31
C MET D 241 -25.65 4.17 -4.43
N VAL D 242 -24.79 5.12 -4.03
CA VAL D 242 -23.36 4.95 -4.22
C VAL D 242 -22.88 3.77 -3.38
N LEU D 243 -23.26 3.75 -2.10
CA LEU D 243 -22.82 2.70 -1.17
C LEU D 243 -23.11 1.34 -1.78
N ALA D 244 -24.27 1.21 -2.41
CA ALA D 244 -24.74 -0.08 -2.93
C ALA D 244 -23.82 -0.59 -4.03
N GLN D 245 -23.27 0.33 -4.84
CA GLN D 245 -22.39 -0.01 -5.96
C GLN D 245 -21.09 -0.66 -5.48
N ARG D 246 -20.49 -0.12 -4.41
CA ARG D 246 -19.28 -0.71 -3.81
C ARG D 246 -18.12 -0.68 -4.81
N LYS D 247 -17.80 0.51 -5.33
CA LYS D 247 -16.74 0.64 -6.32
C LYS D 247 -15.90 1.86 -6.01
N HIS D 248 -15.78 2.22 -4.73
CA HIS D 248 -14.99 3.37 -4.30
C HIS D 248 -14.18 3.00 -3.07
N ASP D 249 -13.01 3.64 -2.92
CA ASP D 249 -12.10 3.35 -1.84
C ASP D 249 -12.40 4.25 -0.65
N LEU D 250 -13.12 5.35 -0.90
CA LEU D 250 -13.38 6.31 0.16
C LEU D 250 -14.72 6.99 -0.12
N TYR D 251 -15.53 7.14 0.93
CA TYR D 251 -16.80 7.83 0.86
C TYR D 251 -16.73 9.07 1.74
N VAL D 252 -17.45 10.11 1.34
CA VAL D 252 -17.46 11.33 2.12
C VAL D 252 -18.87 11.56 2.62
N ALA D 253 -19.09 11.42 3.93
CA ALA D 253 -20.42 11.62 4.50
C ALA D 253 -20.57 13.07 4.94
N MET D 254 -21.72 13.67 4.64
CA MET D 254 -21.99 15.03 5.08
C MET D 254 -22.41 15.06 6.55
N LEU D 255 -23.10 14.00 6.99
CA LEU D 255 -23.71 13.94 8.32
C LEU D 255 -23.29 12.69 9.06
N HIS D 256 -23.31 12.77 10.39
CA HIS D 256 -22.97 11.68 11.28
C HIS D 256 -23.66 10.38 10.83
N ASP D 257 -24.99 10.40 10.77
CA ASP D 257 -25.76 9.17 10.58
C ASP D 257 -25.52 8.56 9.19
N GLN D 258 -25.26 9.41 8.17
CA GLN D 258 -25.04 8.87 6.84
C GLN D 258 -23.85 7.93 6.83
N GLY D 259 -22.83 8.23 7.65
CA GLY D 259 -21.59 7.47 7.64
C GLY D 259 -21.62 6.35 8.68
N HIS D 260 -22.32 6.58 9.80
CA HIS D 260 -22.29 5.66 10.92
C HIS D 260 -23.17 4.44 10.65
N ILE D 261 -24.27 4.63 9.92
CA ILE D 261 -25.22 3.55 9.72
C ILE D 261 -24.60 2.43 8.88
N PRO D 262 -23.97 2.72 7.73
CA PRO D 262 -23.41 1.66 6.89
C PRO D 262 -22.36 0.84 7.62
N ILE D 263 -21.55 1.50 8.45
CA ILE D 263 -20.42 0.85 9.10
C ILE D 263 -20.92 -0.10 10.19
N LYS D 264 -21.87 0.35 11.03
CA LYS D 264 -22.38 -0.49 12.09
C LYS D 264 -23.10 -1.70 11.52
N LEU D 265 -23.70 -1.54 10.33
CA LEU D 265 -24.46 -2.61 9.68
C LEU D 265 -23.56 -3.71 9.15
N LEU D 266 -22.56 -3.32 8.34
CA LEU D 266 -21.69 -4.27 7.67
C LEU D 266 -20.60 -4.82 8.59
N ALA D 267 -20.25 -4.05 9.62
CA ALA D 267 -19.21 -4.44 10.57
C ALA D 267 -19.74 -4.31 11.99
N PRO D 268 -20.70 -5.17 12.42
CA PRO D 268 -21.28 -5.04 13.76
C PRO D 268 -20.20 -5.25 14.82
N ASN D 269 -19.25 -6.12 14.49
CA ASN D 269 -18.17 -6.57 15.35
C ASN D 269 -17.28 -5.42 15.84
N GLY D 270 -16.98 -4.48 14.94
CA GLY D 270 -16.14 -3.35 15.29
C GLY D 270 -15.60 -2.68 14.04
N ALA D 271 -15.73 -1.34 14.02
CA ALA D 271 -14.98 -0.49 13.12
C ALA D 271 -13.83 0.14 13.89
N SER D 272 -12.93 0.74 13.13
CA SER D 272 -11.91 1.62 13.69
C SER D 272 -12.30 3.07 13.39
N ALA D 273 -12.04 3.96 14.34
CA ALA D 273 -12.36 5.37 14.17
C ALA D 273 -11.06 6.16 14.13
N LEU D 274 -10.71 6.72 12.99
CA LEU D 274 -9.44 7.42 12.85
C LEU D 274 -9.71 8.93 12.93
N SER D 275 -9.04 9.61 13.87
CA SER D 275 -9.06 11.05 13.93
C SER D 275 -7.85 11.53 13.15
N ILE D 276 -8.08 12.45 12.21
CA ILE D 276 -7.06 12.83 11.25
C ILE D 276 -6.91 14.34 11.23
N GLY D 277 -5.72 14.78 11.65
CA GLY D 277 -5.37 16.20 11.73
C GLY D 277 -3.91 16.39 11.36
N GLY D 278 -3.64 17.30 10.42
CA GLY D 278 -2.31 17.40 9.85
C GLY D 278 -1.87 16.06 9.28
N ARG D 279 -0.65 15.63 9.64
CA ARG D 279 -0.12 14.35 9.18
C ARG D 279 -0.41 13.25 10.19
N VAL D 280 -1.13 13.57 11.28
CA VAL D 280 -1.25 12.66 12.41
C VAL D 280 -2.55 11.87 12.29
N VAL D 281 -2.43 10.56 12.50
CA VAL D 281 -3.59 9.69 12.48
C VAL D 281 -3.66 8.97 13.81
N LEU D 282 -4.79 9.16 14.52
CA LEU D 282 -5.02 8.51 15.80
C LEU D 282 -6.27 7.65 15.72
N SER D 283 -6.12 6.34 15.91
CA SER D 283 -7.27 5.46 15.97
C SER D 283 -7.58 5.08 17.39
N SER D 284 -8.87 4.98 17.70
CA SER D 284 -9.30 4.30 18.90
C SER D 284 -9.61 2.85 18.55
N VAL D 285 -9.98 2.04 19.53
CA VAL D 285 -10.28 0.65 19.22
C VAL D 285 -11.78 0.45 18.92
N GLY D 286 -12.63 1.37 19.36
CA GLY D 286 -14.05 1.22 19.12
C GLY D 286 -14.77 0.49 20.26
N HIS D 287 -14.16 0.40 21.45
CA HIS D 287 -14.89 -0.02 22.63
C HIS D 287 -14.34 0.75 23.83
N GLY D 288 -15.05 0.67 24.96
CA GLY D 288 -14.74 1.46 26.14
C GLY D 288 -13.75 0.75 27.06
N SER D 289 -13.56 1.36 28.25
CA SER D 289 -12.51 0.95 29.18
C SER D 289 -12.93 -0.25 30.04
N ALA D 290 -14.23 -0.57 30.03
CA ALA D 290 -14.76 -1.79 30.62
C ALA D 290 -14.33 -1.94 32.08
N MET D 291 -14.70 -0.94 32.89
CA MET D 291 -14.29 -0.90 34.28
C MET D 291 -14.78 -2.12 35.05
N ASP D 292 -15.91 -2.71 34.64
CA ASP D 292 -16.51 -3.84 35.34
C ASP D 292 -15.64 -5.10 35.27
N ILE D 293 -14.77 -5.22 34.25
CA ILE D 293 -13.95 -6.42 34.10
C ILE D 293 -12.46 -6.09 34.19
N ALA D 294 -12.12 -4.84 34.48
CA ALA D 294 -10.72 -4.47 34.55
C ALA D 294 -10.07 -5.25 35.67
N GLY D 295 -8.89 -5.80 35.37
CA GLY D 295 -8.06 -6.42 36.39
C GLY D 295 -8.44 -7.87 36.64
N ARG D 296 -9.27 -8.45 35.78
CA ARG D 296 -9.69 -9.85 35.92
C ARG D 296 -9.08 -10.74 34.85
N GLY D 297 -8.45 -10.13 33.84
CA GLY D 297 -7.65 -10.85 32.87
C GLY D 297 -8.45 -11.52 31.77
N VAL D 298 -9.67 -11.05 31.45
CA VAL D 298 -10.57 -11.75 30.55
C VAL D 298 -10.94 -10.93 29.32
N ALA D 299 -10.33 -9.74 29.16
CA ALA D 299 -10.67 -8.84 28.08
C ALA D 299 -10.09 -9.32 26.75
N ASP D 300 -10.86 -9.09 25.70
CA ASP D 300 -10.51 -9.47 24.35
C ASP D 300 -9.76 -8.34 23.61
N ALA D 301 -8.73 -8.74 22.87
CA ALA D 301 -7.78 -7.83 22.25
C ALA D 301 -8.00 -7.76 20.74
N THR D 302 -9.09 -8.40 20.26
CA THR D 302 -9.34 -8.56 18.84
C THR D 302 -9.46 -7.20 18.18
N ALA D 303 -10.16 -6.26 18.85
CA ALA D 303 -10.42 -4.96 18.28
C ALA D 303 -9.12 -4.17 18.17
N LEU D 304 -8.24 -4.32 19.16
CA LEU D 304 -6.95 -3.66 19.09
C LEU D 304 -6.12 -4.25 17.96
N LEU D 305 -6.08 -5.59 17.83
CA LEU D 305 -5.31 -6.21 16.77
C LEU D 305 -5.79 -5.74 15.39
N ARG D 306 -7.10 -5.56 15.25
CA ARG D 306 -7.69 -5.15 13.99
C ARG D 306 -7.26 -3.72 13.66
N THR D 307 -7.18 -2.86 14.70
CA THR D 307 -6.77 -1.47 14.54
C THR D 307 -5.29 -1.42 14.14
N ILE D 308 -4.47 -2.29 14.75
CA ILE D 308 -3.06 -2.41 14.42
C ILE D 308 -2.88 -2.85 12.97
N ALA D 309 -3.65 -3.86 12.55
CA ALA D 309 -3.57 -4.36 11.18
C ALA D 309 -3.88 -3.25 10.18
N LEU D 310 -4.83 -2.39 10.53
CA LEU D 310 -5.30 -1.37 9.63
C LEU D 310 -4.29 -0.24 9.47
N LEU D 311 -3.72 0.22 10.60
CA LEU D 311 -2.76 1.31 10.58
C LEU D 311 -1.39 0.79 10.20
N GLY D 312 -1.15 -0.52 10.36
CA GLY D 312 0.17 -1.07 10.18
C GLY D 312 0.39 -1.66 8.78
N ALA D 313 -0.48 -1.31 7.84
CA ALA D 313 -0.52 -1.95 6.53
C ALA D 313 0.64 -1.46 5.66
N GLN D 314 1.10 -2.37 4.79
CA GLN D 314 2.12 -2.13 3.78
C GLN D 314 1.64 -1.07 2.79
N PRO D 315 2.48 -0.08 2.40
CA PRO D 315 2.25 0.65 1.14
C PRO D 315 2.29 -0.27 -0.07
#